data_9MER
#
_entry.id   9MER
#
_cell.length_a   79.533
_cell.length_b   79.533
_cell.length_c   256.452
_cell.angle_alpha   90.000
_cell.angle_beta   90.000
_cell.angle_gamma   90.000
#
_symmetry.space_group_name_H-M   'P 43 21 2'
#
loop_
_entity.id
_entity.type
_entity.pdbx_description
1 polymer 'H1H5 HA'
2 polymer 'FluA20 Heavy Chain Fab'
3 polymer 'FluA20 Light Chain Fab'
4 non-polymer 2-acetamido-2-deoxy-beta-D-glucopyranose
5 non-polymer 1,2-ETHANEDIOL
6 non-polymer DI(HYDROXYETHYL)ETHER
7 non-polymer 'POTASSIUM ION'
8 water water
#
loop_
_entity_poly.entity_id
_entity_poly.type
_entity_poly.pdbx_seq_one_letter_code
_entity_poly.pdbx_strand_id
1 'polypeptide(L)'
;APLQLGNCSVAGWILGNPECELLISRESWSYIVEKPNPENGTCFPGHFADYEELREQLSSVSSFERFEIFPKESSWPNHE
ASLGVSSCSHNGESSFYKNLLWLIGKNSTYPNLSKSYANNKEKEVLVLWGVHHPPDAAEQTKLYHKPTAYVSVVSSHYSR
KFTPRIATRSKVRGQSGRINYYWTLLEPGDTIIFEANGNLIAPRYAFALSRGSGLVPRGSGHHHHHH
;
B
2 'polypeptide(L)'
;QVQLEESGPGLVKPSETLSLTCSVSGVSVTSDIYYWTWIRQPPGKGLEWIGYIFYNGDTNYNPSLKSRVTMSIDTSKNEF
SLRLTSVTAADTAVYFCARGTEDLGYCSSGSCPNHWGQGTLVTVSSASTKGPSVFPLAPSSKSTSGGTAALGCLVKDYFP
EPVTVSWNSGALTSGVHTFPAVLQSSGLYSLSSVVTVPSSSLGTQTYICNVNHKPSNTKVDKRVEPKSCHHHHHH
;
H
3 'polypeptide(L)'
;DIVMTQSPSSLSASIGDRVTITCRPSQNIRSFLNWFQHKPGKAPKLLIYAASNLQSGVPSRFSGSGSGTEFTLTIRSLQP
EDFATYYCQQSYNTPPTFGQGTKVEIKRTVAAPSVFIFPPSDEQLKSGTASVVCLLNNFYPREAKVQWKVDNALQSGNSQ
ESVTEQDSKDSTYSLSSTLTLSKADYEKHKVYACEVTHQGLSSPVTKSFNRGEC
;
L
#
# COMPACT_ATOMS: atom_id res chain seq x y z
N ALA A 1 -36.68 13.87 -28.58
CA ALA A 1 -36.72 12.54 -28.01
C ALA A 1 -35.55 12.27 -27.05
N PRO A 2 -35.48 11.07 -26.50
CA PRO A 2 -34.35 10.78 -25.65
C PRO A 2 -33.25 9.97 -26.33
N LEU A 3 -31.99 10.19 -25.93
CA LEU A 3 -30.88 9.44 -26.47
C LEU A 3 -30.44 8.45 -25.45
N GLN A 4 -30.51 7.18 -25.80
CA GLN A 4 -30.15 6.12 -24.87
C GLN A 4 -28.74 5.62 -25.13
N LEU A 5 -27.94 5.51 -24.09
CA LEU A 5 -26.50 5.18 -24.17
C LEU A 5 -26.26 3.78 -23.61
N GLY A 6 -27.31 3.06 -23.29
CA GLY A 6 -27.14 1.72 -22.80
C GLY A 6 -26.14 1.63 -21.69
N ASN A 7 -25.15 0.79 -21.86
CA ASN A 7 -24.17 0.60 -20.83
C ASN A 7 -23.04 1.63 -20.93
N CYS A 8 -23.20 2.63 -21.76
CA CYS A 8 -22.14 3.59 -21.98
C CYS A 8 -22.28 5.01 -21.38
N SER A 9 -21.17 5.62 -20.98
CA SER A 9 -21.14 7.02 -20.56
C SER A 9 -21.13 7.95 -21.78
N VAL A 10 -21.44 9.23 -21.55
CA VAL A 10 -21.29 10.22 -22.61
C VAL A 10 -19.88 10.16 -23.18
N ALA A 11 -18.87 9.96 -22.33
CA ALA A 11 -17.50 9.87 -22.83
C ALA A 11 -17.32 8.67 -23.77
N GLY A 12 -17.71 7.48 -23.32
CA GLY A 12 -17.59 6.31 -24.20
C GLY A 12 -18.33 6.48 -25.53
N TRP A 13 -19.54 7.04 -25.48
CA TRP A 13 -20.30 7.23 -26.70
C TRP A 13 -19.60 8.23 -27.63
N ILE A 14 -19.29 9.43 -27.10
CA ILE A 14 -18.81 10.48 -27.99
C ILE A 14 -17.39 10.23 -28.47
N LEU A 15 -16.59 9.52 -27.67
CA LEU A 15 -15.28 9.13 -28.20
C LEU A 15 -15.40 7.93 -29.14
N GLY A 16 -16.48 7.17 -29.07
CA GLY A 16 -16.57 5.96 -29.90
C GLY A 16 -15.92 4.74 -29.29
N ASN A 17 -16.08 4.55 -27.98
CA ASN A 17 -15.63 3.29 -27.34
C ASN A 17 -16.14 2.16 -28.22
N PRO A 18 -15.30 1.18 -28.56
CA PRO A 18 -15.69 0.11 -29.49
C PRO A 18 -16.95 -0.65 -29.05
N GLU A 19 -17.26 -0.62 -27.76
CA GLU A 19 -18.46 -1.30 -27.21
C GLU A 19 -19.67 -0.37 -27.22
N CYS A 20 -19.55 0.84 -27.72
CA CYS A 20 -20.62 1.80 -27.69
C CYS A 20 -21.09 2.13 -29.08
N GLU A 21 -21.03 1.18 -29.97
CA GLU A 21 -21.35 1.43 -31.37
C GLU A 21 -22.69 0.90 -31.82
N LEU A 22 -23.27 -0.02 -31.05
CA LEU A 22 -24.52 -0.64 -31.47
C LEU A 22 -25.66 0.28 -31.10
N LEU A 23 -25.32 1.42 -30.56
CA LEU A 23 -26.34 2.35 -30.16
C LEU A 23 -27.29 2.65 -31.30
N ILE A 24 -28.57 2.81 -30.99
CA ILE A 24 -29.58 3.17 -31.98
C ILE A 24 -29.29 4.58 -32.35
N SER A 25 -29.14 4.88 -33.63
CA SER A 25 -28.67 6.24 -34.01
C SER A 25 -29.76 7.29 -33.81
N ARG A 26 -29.34 8.55 -33.62
CA ARG A 26 -30.31 9.67 -33.46
C ARG A 26 -29.69 10.97 -33.98
N GLU A 27 -30.43 11.73 -34.78
CA GLU A 27 -29.97 13.03 -35.30
C GLU A 27 -30.51 14.17 -34.42
N SER A 28 -31.26 13.85 -33.37
CA SER A 28 -31.85 14.87 -32.51
C SER A 28 -32.26 14.19 -31.21
N TRP A 29 -32.24 14.96 -30.11
CA TRP A 29 -32.71 14.42 -28.84
C TRP A 29 -32.84 15.57 -27.83
N SER A 30 -33.66 15.30 -26.80
CA SER A 30 -34.00 16.29 -25.79
C SER A 30 -33.31 16.05 -24.46
N TYR A 31 -32.87 14.82 -24.26
CA TYR A 31 -32.13 14.53 -23.03
C TYR A 31 -31.27 13.31 -23.25
N ILE A 32 -30.44 13.00 -22.27
CA ILE A 32 -29.53 11.90 -22.38
C ILE A 32 -29.84 11.02 -21.18
N VAL A 33 -30.37 9.82 -21.42
CA VAL A 33 -30.55 8.86 -20.33
C VAL A 33 -29.29 8.00 -20.28
N GLU A 34 -28.65 8.06 -19.14
CA GLU A 34 -27.42 7.36 -18.98
C GLU A 34 -27.44 6.77 -17.60
N LYS A 35 -26.84 5.62 -17.46
CA LYS A 35 -26.82 4.93 -16.20
C LYS A 35 -26.01 5.66 -15.16
N PRO A 36 -26.42 5.48 -13.90
CA PRO A 36 -25.70 6.13 -12.81
C PRO A 36 -24.25 5.69 -12.82
N ASN A 37 -24.01 4.47 -13.24
CA ASN A 37 -22.63 4.02 -13.35
C ASN A 37 -22.37 3.29 -14.67
N PRO A 38 -22.15 4.03 -15.78
CA PRO A 38 -21.89 3.27 -16.99
C PRO A 38 -20.61 2.43 -16.96
N GLU A 39 -20.62 1.30 -17.63
CA GLU A 39 -19.47 0.41 -17.63
C GLU A 39 -18.49 0.67 -18.77
N ASN A 40 -18.98 1.25 -19.83
CA ASN A 40 -18.10 1.56 -20.94
C ASN A 40 -17.91 3.08 -21.20
N GLY A 41 -16.70 3.57 -20.97
CA GLY A 41 -16.37 4.97 -21.26
C GLY A 41 -14.97 5.15 -21.79
N THR A 42 -14.09 5.71 -20.97
CA THR A 42 -12.72 5.89 -21.33
C THR A 42 -11.98 4.56 -21.19
N CYS A 43 -12.07 3.70 -22.21
CA CYS A 43 -11.42 2.36 -22.20
C CYS A 43 -9.90 2.53 -22.09
N PHE A 44 -9.35 3.62 -22.60
CA PHE A 44 -7.91 3.93 -22.33
C PHE A 44 -7.92 5.02 -21.26
N PRO A 45 -7.21 4.81 -20.13
CA PRO A 45 -7.28 5.74 -19.02
C PRO A 45 -6.74 7.15 -19.25
N GLY A 46 -7.44 8.11 -18.67
CA GLY A 46 -7.00 9.51 -18.73
C GLY A 46 -8.01 10.48 -18.17
N HIS A 47 -7.66 11.76 -18.14
CA HIS A 47 -8.57 12.79 -17.67
C HIS A 47 -9.31 13.39 -18.85
N PHE A 48 -10.62 13.55 -18.72
CA PHE A 48 -11.45 14.11 -19.78
C PHE A 48 -11.76 15.55 -19.44
N ALA A 49 -11.14 16.50 -20.15
CA ALA A 49 -11.31 17.93 -19.91
C ALA A 49 -12.75 18.41 -20.08
N ASP A 50 -13.18 19.29 -19.16
CA ASP A 50 -14.46 20.00 -19.27
C ASP A 50 -15.62 19.04 -19.48
N TYR A 51 -15.59 17.94 -18.76
CA TYR A 51 -16.47 16.85 -19.12
C TYR A 51 -17.93 17.19 -18.78
N GLU A 52 -18.20 17.67 -17.56
CA GLU A 52 -19.58 18.00 -17.24
C GLU A 52 -20.12 19.07 -18.17
N GLU A 53 -19.29 20.00 -18.58
CA GLU A 53 -19.73 20.96 -19.55
CA GLU A 53 -19.73 20.96 -19.56
C GLU A 53 -20.19 20.27 -20.91
N LEU A 54 -19.38 19.30 -21.33
CA LEU A 54 -19.74 18.63 -22.59
C LEU A 54 -21.06 17.87 -22.47
N ARG A 55 -21.26 17.22 -21.32
CA ARG A 55 -22.52 16.48 -21.10
C ARG A 55 -23.68 17.47 -21.16
N GLU A 56 -23.49 18.62 -20.53
CA GLU A 56 -24.60 19.56 -20.54
C GLU A 56 -24.79 20.14 -21.94
N GLN A 57 -23.72 20.46 -22.64
CA GLN A 57 -23.90 21.08 -23.94
C GLN A 57 -24.45 20.10 -24.98
N LEU A 58 -24.29 18.79 -24.77
CA LEU A 58 -24.86 17.77 -25.65
C LEU A 58 -26.19 17.18 -25.13
N SER A 59 -26.73 17.66 -24.00
CA SER A 59 -27.93 17.04 -23.43
C SER A 59 -29.13 17.21 -24.35
N SER A 60 -29.24 18.36 -25.01
CA SER A 60 -30.31 18.63 -25.94
C SER A 60 -29.69 19.12 -27.25
N VAL A 61 -30.07 18.45 -28.35
CA VAL A 61 -29.45 18.65 -29.66
C VAL A 61 -30.49 18.54 -30.77
N SER A 62 -30.56 19.55 -31.61
CA SER A 62 -31.55 19.61 -32.68
C SER A 62 -31.04 19.03 -34.01
N SER A 63 -29.73 18.82 -34.16
CA SER A 63 -29.11 18.23 -35.38
C SER A 63 -27.73 17.68 -35.00
N PHE A 64 -27.38 16.51 -35.52
CA PHE A 64 -26.12 15.86 -35.11
C PHE A 64 -25.61 15.01 -36.27
N GLU A 65 -24.57 15.45 -36.94
CA GLU A 65 -24.06 14.72 -38.12
C GLU A 65 -22.56 14.41 -38.01
N ARG A 66 -22.23 13.13 -37.96
CA ARG A 66 -20.84 12.72 -37.98
C ARG A 66 -20.25 12.87 -39.37
N PHE A 67 -18.97 13.24 -39.42
CA PHE A 67 -18.23 13.34 -40.67
C PHE A 67 -16.75 13.14 -40.39
N GLU A 68 -16.06 12.59 -41.38
CA GLU A 68 -14.65 12.29 -41.24
C GLU A 68 -13.82 13.58 -41.42
N ILE A 69 -13.52 14.28 -40.31
CA ILE A 69 -12.78 15.53 -40.42
C ILE A 69 -11.39 15.33 -41.04
N PHE A 70 -10.68 14.27 -40.63
CA PHE A 70 -9.34 13.97 -41.15
C PHE A 70 -9.45 12.53 -41.63
N PRO A 71 -9.77 12.31 -42.92
CA PRO A 71 -10.02 10.94 -43.43
C PRO A 71 -8.87 9.97 -43.15
N LYS A 72 -9.14 8.97 -42.36
CA LYS A 72 -8.07 8.06 -41.98
CA LYS A 72 -8.07 8.06 -41.98
C LYS A 72 -7.16 7.46 -43.09
N GLU A 73 -7.80 7.01 -44.17
CA GLU A 73 -7.03 6.30 -45.18
C GLU A 73 -6.29 7.22 -46.15
N SER A 74 -6.48 8.52 -46.03
CA SER A 74 -5.89 9.44 -46.98
C SER A 74 -5.17 10.66 -46.44
N SER A 75 -5.25 10.90 -45.14
CA SER A 75 -4.73 12.14 -44.57
C SER A 75 -3.37 12.00 -43.87
N TRP A 76 -2.90 10.78 -43.69
CA TRP A 76 -1.67 10.58 -42.94
C TRP A 76 -0.61 9.76 -43.71
N PRO A 77 -0.07 10.35 -44.75
CA PRO A 77 0.94 9.66 -45.56
C PRO A 77 2.26 9.32 -44.86
N ASN A 78 2.64 10.06 -43.84
CA ASN A 78 3.92 9.86 -43.18
C ASN A 78 3.86 9.33 -41.74
N HIS A 79 2.72 8.78 -41.36
CA HIS A 79 2.58 8.25 -40.02
C HIS A 79 1.78 6.97 -40.13
N GLU A 80 1.88 6.09 -39.13
CA GLU A 80 1.01 4.93 -39.13
C GLU A 80 0.05 5.07 -37.96
N ALA A 81 -0.93 4.17 -37.87
CA ALA A 81 -1.87 4.18 -36.74
C ALA A 81 -1.72 2.89 -35.91
N SER A 82 -1.90 2.98 -34.59
CA SER A 82 -1.90 1.76 -33.78
C SER A 82 -2.99 0.85 -34.31
N LEU A 83 -2.75 -0.45 -34.24
CA LEU A 83 -3.81 -1.41 -34.65
C LEU A 83 -4.77 -1.61 -33.49
N GLY A 84 -4.37 -1.19 -32.29
CA GLY A 84 -5.31 -1.28 -31.17
C GLY A 84 -4.64 -1.52 -29.85
N VAL A 85 -5.41 -1.40 -28.77
CA VAL A 85 -4.86 -1.63 -27.41
C VAL A 85 -5.81 -2.60 -26.69
N SER A 86 -5.30 -3.39 -25.75
CA SER A 86 -6.10 -4.43 -25.02
C SER A 86 -7.21 -3.85 -24.15
N SER A 87 -6.98 -2.71 -23.54
CA SER A 87 -7.97 -2.05 -22.71
C SER A 87 -9.20 -1.58 -23.48
N CYS A 88 -9.11 -1.58 -24.80
CA CYS A 88 -10.21 -1.11 -25.68
C CYS A 88 -10.59 -2.26 -26.65
N SER A 89 -10.88 -3.42 -26.10
CA SER A 89 -11.12 -4.62 -26.94
C SER A 89 -12.58 -4.74 -27.39
N HIS A 90 -12.78 -5.41 -28.54
CA HIS A 90 -14.12 -5.64 -29.09
C HIS A 90 -14.09 -7.03 -29.74
N ASN A 91 -15.02 -7.91 -29.35
CA ASN A 91 -15.03 -9.29 -29.88
C ASN A 91 -13.67 -9.96 -29.66
N GLY A 92 -13.14 -9.89 -28.45
CA GLY A 92 -11.87 -10.56 -28.11
C GLY A 92 -10.66 -10.05 -28.86
N GLU A 93 -10.73 -8.86 -29.45
CA GLU A 93 -9.54 -8.30 -30.12
C GLU A 93 -9.23 -6.86 -29.70
N SER A 94 -7.94 -6.52 -29.63
CA SER A 94 -7.50 -5.15 -29.30
C SER A 94 -8.06 -4.14 -30.32
N SER A 95 -8.66 -3.08 -29.84
CA SER A 95 -9.19 -2.03 -30.70
C SER A 95 -8.95 -0.65 -30.06
N PHE A 96 -9.74 0.33 -30.48
CA PHE A 96 -9.56 1.72 -30.00
C PHE A 96 -10.83 2.51 -30.31
N TYR A 97 -10.81 3.77 -29.95
CA TYR A 97 -11.97 4.66 -30.18
C TYR A 97 -12.17 4.85 -31.68
N LYS A 98 -13.43 4.86 -32.10
CA LYS A 98 -13.77 5.04 -33.52
C LYS A 98 -13.53 6.49 -33.96
N ASN A 99 -13.62 7.43 -33.03
CA ASN A 99 -13.57 8.82 -33.46
C ASN A 99 -12.17 9.44 -33.38
N LEU A 100 -11.17 8.72 -32.87
CA LEU A 100 -9.80 9.19 -32.79
C LEU A 100 -8.87 8.22 -33.48
N LEU A 101 -7.65 8.69 -33.76
CA LEU A 101 -6.66 7.88 -34.44
C LEU A 101 -5.37 7.98 -33.67
N TRP A 102 -4.85 6.84 -33.24
CA TRP A 102 -3.59 6.83 -32.50
C TRP A 102 -2.42 6.80 -33.47
N LEU A 103 -1.90 7.99 -33.79
CA LEU A 103 -0.79 8.11 -34.72
C LEU A 103 0.52 7.71 -34.06
N ILE A 104 1.31 6.93 -34.79
CA ILE A 104 2.58 6.40 -34.33
C ILE A 104 3.56 6.55 -35.49
N GLY A 105 4.83 6.36 -35.18
CA GLY A 105 5.87 6.53 -36.18
C GLY A 105 5.74 5.58 -37.35
N LYS A 106 6.46 5.94 -38.42
CA LYS A 106 6.47 5.15 -39.63
C LYS A 106 7.90 5.10 -40.14
N ASN A 107 8.37 3.92 -40.46
CA ASN A 107 9.74 3.77 -40.89
C ASN A 107 10.68 4.38 -39.86
N SER A 108 10.47 4.05 -38.59
CA SER A 108 11.41 4.47 -37.53
C SER A 108 11.51 5.98 -37.32
N THR A 109 10.49 6.74 -37.75
CA THR A 109 10.44 8.17 -37.49
C THR A 109 9.01 8.70 -37.37
N TYR A 110 8.86 9.87 -36.77
CA TYR A 110 7.55 10.49 -36.57
C TYR A 110 7.68 11.92 -36.97
N PRO A 111 7.39 12.18 -38.24
CA PRO A 111 7.59 13.53 -38.72
C PRO A 111 6.65 14.57 -38.12
N ASN A 112 7.10 15.80 -38.11
CA ASN A 112 6.24 16.88 -37.71
C ASN A 112 4.99 16.86 -38.58
N LEU A 113 3.88 17.17 -37.97
CA LEU A 113 2.61 17.19 -38.70
C LEU A 113 1.89 18.51 -38.47
N SER A 114 1.11 18.89 -39.47
CA SER A 114 0.35 20.11 -39.32
C SER A 114 -0.92 19.93 -40.13
N LYS A 115 -2.05 20.16 -39.47
CA LYS A 115 -3.29 19.76 -40.10
C LYS A 115 -4.31 20.83 -39.73
N SER A 116 -5.03 21.32 -40.71
CA SER A 116 -6.08 22.30 -40.48
CA SER A 116 -6.07 22.32 -40.50
C SER A 116 -7.48 21.92 -41.06
N TYR A 117 -8.50 22.41 -40.41
CA TYR A 117 -9.84 22.20 -40.93
C TYR A 117 -10.66 23.48 -40.82
N ALA A 118 -11.16 23.95 -41.96
CA ALA A 118 -12.01 25.11 -41.98
C ALA A 118 -13.48 24.69 -41.95
N ASN A 119 -14.21 25.21 -41.01
CA ASN A 119 -15.60 24.86 -40.87
C ASN A 119 -16.42 25.62 -41.90
N ASN A 120 -16.67 24.99 -43.02
CA ASN A 120 -17.47 25.56 -44.09
C ASN A 120 -18.89 25.11 -43.95
N LYS A 121 -19.13 24.30 -42.94
CA LYS A 121 -20.47 23.92 -42.68
C LYS A 121 -21.12 25.17 -42.07
N GLU A 122 -22.38 25.12 -41.83
CA GLU A 122 -23.04 26.31 -41.33
C GLU A 122 -23.56 26.02 -39.97
N LYS A 123 -22.92 25.07 -39.32
CA LYS A 123 -23.26 24.71 -37.97
C LYS A 123 -21.96 24.54 -37.17
N GLU A 124 -22.05 24.52 -35.86
CA GLU A 124 -20.89 24.27 -35.04
C GLU A 124 -20.34 22.88 -35.30
N VAL A 125 -19.03 22.71 -35.24
CA VAL A 125 -18.46 21.37 -35.36
C VAL A 125 -17.75 21.03 -34.04
N LEU A 126 -18.16 19.94 -33.43
CA LEU A 126 -17.50 19.45 -32.24
C LEU A 126 -16.27 18.63 -32.63
N VAL A 127 -15.11 19.07 -32.18
CA VAL A 127 -13.87 18.35 -32.43
C VAL A 127 -13.28 17.80 -31.14
N LEU A 128 -12.89 16.54 -31.17
CA LEU A 128 -12.31 15.90 -30.03
C LEU A 128 -10.95 15.28 -30.34
N TRP A 129 -10.03 15.36 -29.39
CA TRP A 129 -8.73 14.76 -29.54
C TRP A 129 -8.13 14.33 -28.20
N GLY A 130 -6.95 13.79 -28.26
CA GLY A 130 -6.26 13.41 -27.06
C GLY A 130 -4.77 13.59 -27.13
N VAL A 131 -4.14 13.52 -25.96
CA VAL A 131 -2.65 13.62 -25.88
C VAL A 131 -2.15 12.43 -25.06
N HIS A 132 -1.19 11.69 -25.61
CA HIS A 132 -0.68 10.47 -24.95
C HIS A 132 0.48 10.77 -24.00
N HIS A 133 0.37 10.26 -22.79
CA HIS A 133 1.45 10.40 -21.79
C HIS A 133 1.97 8.99 -21.51
N PRO A 134 3.07 8.57 -22.16
CA PRO A 134 3.59 7.22 -22.01
C PRO A 134 4.17 6.97 -20.61
N PRO A 135 4.23 5.71 -20.12
CA PRO A 135 4.70 5.48 -18.73
C PRO A 135 6.20 5.61 -18.56
N ASP A 136 6.97 5.48 -19.62
CA ASP A 136 8.41 5.51 -19.51
C ASP A 136 9.00 5.99 -20.83
N ALA A 137 10.28 6.36 -20.75
CA ALA A 137 10.99 6.91 -21.89
C ALA A 137 11.18 5.89 -23.01
N ALA A 138 11.15 4.59 -22.70
CA ALA A 138 11.31 3.60 -23.75
C ALA A 138 10.09 3.54 -24.66
N GLU A 139 8.89 3.66 -24.09
CA GLU A 139 7.65 3.69 -24.92
C GLU A 139 7.61 4.99 -25.75
N GLN A 140 8.04 6.11 -25.17
CA GLN A 140 8.06 7.41 -25.87
C GLN A 140 8.93 7.30 -27.12
N THR A 141 10.14 6.78 -26.95
CA THR A 141 11.04 6.58 -28.14
CA THR A 141 11.03 6.59 -28.14
C THR A 141 10.48 5.55 -29.13
N LYS A 142 9.82 4.55 -28.54
CA LYS A 142 9.34 3.47 -29.40
C LYS A 142 8.26 3.97 -30.35
N LEU A 143 7.41 4.88 -29.89
CA LEU A 143 6.27 5.29 -30.70
C LEU A 143 6.55 6.56 -31.47
N TYR A 144 7.30 7.45 -30.87
CA TYR A 144 7.43 8.81 -31.35
C TYR A 144 8.86 9.20 -31.67
N HIS A 145 9.85 8.37 -31.33
CA HIS A 145 11.23 8.51 -31.82
C HIS A 145 11.89 9.80 -31.36
N LYS A 146 11.54 10.27 -30.16
CA LYS A 146 12.13 11.48 -29.58
C LYS A 146 11.70 11.53 -28.12
N PRO A 147 12.55 12.08 -27.19
CA PRO A 147 12.27 11.99 -25.75
C PRO A 147 11.15 12.93 -25.30
N THR A 148 11.03 14.05 -26.01
CA THR A 148 9.98 15.02 -25.67
C THR A 148 9.22 15.40 -26.94
N ALA A 149 8.04 15.96 -26.76
CA ALA A 149 7.23 16.30 -27.94
C ALA A 149 6.30 17.45 -27.61
N TYR A 150 5.68 17.98 -28.65
CA TYR A 150 4.71 19.05 -28.47
C TYR A 150 3.43 18.76 -29.23
N VAL A 151 2.31 19.14 -28.64
CA VAL A 151 1.05 19.15 -29.37
C VAL A 151 0.46 20.53 -29.19
N SER A 152 0.01 21.11 -30.28
CA SER A 152 -0.67 22.40 -30.26
CA SER A 152 -0.68 22.40 -30.24
C SER A 152 -2.02 22.38 -31.02
N VAL A 153 -2.98 23.01 -30.41
CA VAL A 153 -4.29 23.09 -31.03
C VAL A 153 -4.78 24.53 -30.90
N VAL A 154 -5.16 25.12 -32.03
CA VAL A 154 -5.60 26.51 -32.07
C VAL A 154 -6.76 26.86 -33.00
N SER A 155 -7.71 27.60 -32.49
CA SER A 155 -8.82 28.09 -33.25
C SER A 155 -8.93 29.59 -32.89
N SER A 156 -10.00 30.24 -33.30
CA SER A 156 -10.23 31.63 -32.90
C SER A 156 -10.84 31.70 -31.47
N HIS A 157 -11.25 30.58 -30.90
CA HIS A 157 -11.87 30.54 -29.60
C HIS A 157 -11.26 29.46 -28.69
N TYR A 158 -10.22 28.79 -29.19
CA TYR A 158 -9.54 27.77 -28.45
C TYR A 158 -8.06 27.89 -28.75
N SER A 159 -7.22 27.84 -27.70
CA SER A 159 -5.79 27.83 -27.94
C SER A 159 -5.08 27.13 -26.77
N ARG A 160 -4.38 26.02 -27.04
CA ARG A 160 -3.69 25.34 -25.94
C ARG A 160 -2.49 24.55 -26.46
N LYS A 161 -1.46 24.51 -25.65
CA LYS A 161 -0.26 23.75 -25.99
C LYS A 161 -0.08 22.62 -24.99
N PHE A 162 0.32 21.46 -25.47
CA PHE A 162 0.40 20.28 -24.60
C PHE A 162 1.81 19.68 -24.65
N THR A 163 2.24 19.17 -23.51
CA THR A 163 3.53 18.53 -23.38
C THR A 163 3.33 17.18 -22.71
N PRO A 164 3.73 16.09 -23.35
CA PRO A 164 3.66 14.79 -22.67
C PRO A 164 4.45 14.79 -21.36
N ARG A 165 3.83 14.27 -20.31
CA ARG A 165 4.51 14.13 -19.00
C ARG A 165 4.77 12.63 -18.83
N ILE A 166 6.00 12.22 -19.06
CA ILE A 166 6.31 10.76 -19.02
C ILE A 166 6.52 10.35 -17.56
N ALA A 167 5.66 9.45 -17.11
CA ALA A 167 5.76 8.93 -15.74
C ALA A 167 4.85 7.71 -15.59
N THR A 168 5.28 6.79 -14.74
CA THR A 168 4.51 5.57 -14.47
C THR A 168 3.36 5.91 -13.52
N ARG A 169 2.12 5.76 -13.98
CA ARG A 169 0.94 5.85 -13.14
C ARG A 169 0.56 4.44 -12.66
N SER A 170 -0.24 4.39 -11.60
CA SER A 170 -0.89 3.14 -11.25
C SER A 170 -1.66 2.63 -12.45
N LYS A 171 -1.72 1.30 -12.58
CA LYS A 171 -2.44 0.73 -13.70
C LYS A 171 -3.94 1.00 -13.59
N VAL A 172 -4.52 1.33 -14.73
CA VAL A 172 -6.00 1.37 -14.86
C VAL A 172 -6.27 0.59 -16.15
N ARG A 173 -7.12 -0.40 -16.08
CA ARG A 173 -7.34 -1.29 -17.21
C ARG A 173 -6.01 -1.81 -17.75
N GLY A 174 -5.08 -2.07 -16.86
CA GLY A 174 -3.75 -2.58 -17.22
C GLY A 174 -2.83 -1.54 -17.82
N GLN A 175 -3.20 -0.26 -17.76
CA GLN A 175 -2.35 0.70 -18.45
C GLN A 175 -1.70 1.67 -17.47
N SER A 176 -0.38 1.77 -17.55
CA SER A 176 0.46 2.65 -16.76
C SER A 176 0.62 4.06 -17.34
N GLY A 177 0.38 4.23 -18.65
CA GLY A 177 0.36 5.54 -19.27
C GLY A 177 -1.06 6.07 -19.32
N ARG A 178 -1.23 7.23 -19.98
CA ARG A 178 -2.51 7.94 -19.94
C ARG A 178 -2.73 8.62 -21.27
N ILE A 179 -4.01 8.83 -21.60
CA ILE A 179 -4.44 9.70 -22.69
C ILE A 179 -5.43 10.68 -22.13
N ASN A 180 -5.10 11.98 -22.19
CA ASN A 180 -6.01 13.03 -21.74
C ASN A 180 -6.84 13.48 -22.94
N TYR A 181 -8.13 13.66 -22.74
CA TYR A 181 -9.07 14.00 -23.81
C TYR A 181 -9.47 15.47 -23.72
N TYR A 182 -9.58 16.11 -24.89
CA TYR A 182 -9.89 17.52 -25.04
C TYR A 182 -10.89 17.66 -26.16
N TRP A 183 -11.62 18.77 -26.14
CA TRP A 183 -12.61 19.03 -27.19
C TRP A 183 -12.85 20.53 -27.32
N THR A 184 -13.38 20.92 -28.48
CA THR A 184 -13.86 22.29 -28.58
C THR A 184 -14.93 22.34 -29.66
N LEU A 185 -15.78 23.38 -29.61
CA LEU A 185 -16.75 23.67 -30.64
C LEU A 185 -16.13 24.68 -31.60
N LEU A 186 -16.00 24.29 -32.86
CA LEU A 186 -15.46 25.16 -33.90
C LEU A 186 -16.62 25.83 -34.61
N GLU A 187 -16.67 27.14 -34.53
CA GLU A 187 -17.78 27.85 -35.12
C GLU A 187 -17.76 27.96 -36.65
N PRO A 188 -18.96 28.06 -37.23
CA PRO A 188 -19.00 28.29 -38.68
C PRO A 188 -17.99 29.35 -39.10
N GLY A 189 -17.19 29.01 -40.12
CA GLY A 189 -16.17 29.91 -40.67
C GLY A 189 -14.83 29.97 -39.96
N ASP A 190 -14.72 29.38 -38.78
CA ASP A 190 -13.44 29.34 -38.10
C ASP A 190 -12.65 28.13 -38.62
N THR A 191 -11.34 28.14 -38.36
CA THR A 191 -10.41 27.06 -38.70
C THR A 191 -9.71 26.56 -37.45
N ILE A 192 -9.65 25.24 -37.28
CA ILE A 192 -8.88 24.63 -36.21
C ILE A 192 -7.59 24.10 -36.80
N ILE A 193 -6.48 24.30 -36.08
CA ILE A 193 -5.17 23.86 -36.53
C ILE A 193 -4.54 22.95 -35.49
N PHE A 194 -4.13 21.76 -35.94
CA PHE A 194 -3.35 20.79 -35.15
C PHE A 194 -1.89 20.79 -35.60
N GLU A 195 -0.99 20.88 -34.63
CA GLU A 195 0.45 20.74 -34.89
C GLU A 195 1.03 19.84 -33.82
N ALA A 196 1.89 18.91 -34.24
CA ALA A 196 2.47 17.98 -33.29
C ALA A 196 3.74 17.42 -33.89
N ASN A 197 4.65 17.03 -33.01
CA ASN A 197 5.74 16.15 -33.43
C ASN A 197 5.70 14.82 -32.68
N GLY A 198 4.58 14.56 -32.03
CA GLY A 198 4.40 13.27 -31.33
C GLY A 198 3.26 13.29 -30.33
N ASN A 199 2.79 12.11 -29.93
CA ASN A 199 1.84 12.01 -28.79
C ASN A 199 0.40 12.50 -29.11
N LEU A 200 0.09 12.75 -30.36
CA LEU A 200 -1.27 13.21 -30.72
C LEU A 200 -2.22 12.06 -31.02
N ILE A 201 -3.32 12.01 -30.30
CA ILE A 201 -4.42 11.11 -30.69
C ILE A 201 -5.36 12.00 -31.50
N ALA A 202 -5.18 11.92 -32.81
CA ALA A 202 -5.91 12.81 -33.69
C ALA A 202 -7.35 12.55 -33.90
N PRO A 203 -8.03 13.60 -34.23
CA PRO A 203 -9.42 13.44 -34.57
C PRO A 203 -9.58 12.66 -35.87
N ARG A 204 -10.58 11.81 -35.94
CA ARG A 204 -10.92 11.12 -37.18
C ARG A 204 -12.34 11.53 -37.49
N TYR A 205 -13.26 11.26 -36.60
CA TYR A 205 -14.61 11.75 -36.78
C TYR A 205 -14.97 12.97 -35.90
N ALA A 206 -15.55 13.99 -36.50
CA ALA A 206 -16.07 15.15 -35.79
C ALA A 206 -17.57 15.23 -36.05
N PHE A 207 -18.24 16.23 -35.48
CA PHE A 207 -19.70 16.26 -35.50
C PHE A 207 -20.23 17.66 -35.79
N ALA A 208 -20.95 17.81 -36.90
CA ALA A 208 -21.65 19.06 -37.13
C ALA A 208 -22.96 19.01 -36.36
N LEU A 209 -23.27 20.06 -35.61
CA LEU A 209 -24.38 19.87 -34.70
C LEU A 209 -24.98 21.22 -34.37
N SER A 210 -26.22 21.15 -33.88
CA SER A 210 -27.07 22.30 -33.59
C SER A 210 -27.49 22.11 -32.14
N ARG A 211 -26.82 22.83 -31.25
CA ARG A 211 -27.15 22.66 -29.82
C ARG A 211 -28.50 23.33 -29.58
N GLY A 212 -29.24 22.80 -28.62
CA GLY A 212 -30.55 23.40 -28.32
C GLY A 212 -31.66 22.65 -28.99
N SER A 213 -32.77 22.46 -28.29
CA SER A 213 -33.97 21.82 -28.88
C SER A 213 -34.56 22.82 -29.87
N GLY A 214 -34.44 24.10 -29.56
CA GLY A 214 -34.90 25.11 -30.52
C GLY A 214 -34.25 24.89 -31.86
N GLN B 1 14.38 0.12 -9.79
CA GLN B 1 13.41 1.19 -10.00
C GLN B 1 13.47 2.22 -8.87
N VAL B 2 12.32 2.77 -8.52
CA VAL B 2 12.29 3.71 -7.44
C VAL B 2 12.49 3.04 -6.11
N GLN B 3 13.37 3.62 -5.31
CA GLN B 3 13.56 3.14 -3.96
C GLN B 3 13.38 4.32 -3.03
N LEU B 4 12.53 4.19 -2.02
CA LEU B 4 12.37 5.24 -0.99
C LEU B 4 12.78 4.63 0.35
N GLU B 5 13.55 5.35 1.14
CA GLU B 5 14.08 4.84 2.43
C GLU B 5 14.03 5.96 3.47
N GLU B 6 13.34 5.75 4.57
CA GLU B 6 13.21 6.77 5.58
C GLU B 6 14.34 6.70 6.59
N SER B 7 14.75 7.86 7.08
CA SER B 7 15.79 7.90 8.10
C SER B 7 15.41 8.99 9.07
N GLY B 8 15.78 8.78 10.31
CA GLY B 8 15.39 9.74 11.33
C GLY B 8 15.83 9.39 12.70
N PRO B 9 15.42 10.20 13.66
CA PRO B 9 15.75 9.92 15.03
C PRO B 9 14.81 8.87 15.56
N GLY B 10 15.34 7.77 16.06
CA GLY B 10 14.48 6.78 16.67
C GLY B 10 13.85 7.26 17.96
N LEU B 11 14.50 8.18 18.63
CA LEU B 11 13.99 8.70 19.88
C LEU B 11 13.97 10.22 19.93
N VAL B 12 12.84 10.77 20.36
CA VAL B 12 12.72 12.19 20.46
C VAL B 12 12.03 12.55 21.78
N LYS B 13 12.50 13.59 22.45
CA LYS B 13 11.89 14.02 23.70
C LYS B 13 10.67 14.90 23.46
N PRO B 14 9.68 14.85 24.35
CA PRO B 14 8.46 15.66 24.19
C PRO B 14 8.71 17.17 24.11
N SER B 15 7.73 17.90 23.47
CA SER B 15 7.87 19.37 23.22
C SER B 15 9.03 19.68 22.25
N GLU B 16 9.76 18.66 21.83
CA GLU B 16 10.86 18.87 20.86
C GLU B 16 10.35 18.67 19.42
N THR B 17 11.22 18.80 18.44
CA THR B 17 10.86 18.73 17.03
C THR B 17 11.34 17.42 16.43
N LEU B 18 10.43 16.76 15.72
CA LEU B 18 10.70 15.57 14.93
C LEU B 18 11.12 15.93 13.52
N SER B 19 12.28 15.44 13.14
CA SER B 19 12.77 15.60 11.79
C SER B 19 12.96 14.23 11.15
N LEU B 20 12.55 14.12 9.88
CA LEU B 20 12.57 12.85 9.18
C LEU B 20 12.87 13.08 7.70
N THR B 21 13.65 12.17 7.13
CA THR B 21 14.21 12.35 5.80
C THR B 21 13.96 11.10 4.94
N CYS B 22 13.35 11.29 3.76
CA CYS B 22 13.13 10.21 2.80
C CYS B 22 14.19 10.32 1.71
N SER B 23 15.06 9.33 1.59
CA SER B 23 16.04 9.26 0.51
C SER B 23 15.43 8.56 -0.70
N VAL B 24 15.26 9.32 -1.79
CA VAL B 24 14.69 8.78 -3.01
C VAL B 24 15.73 8.41 -4.02
N SER B 25 15.66 7.21 -4.54
CA SER B 25 16.57 6.78 -5.58
C SER B 25 15.81 6.28 -6.79
N GLY B 26 16.38 6.48 -7.98
CA GLY B 26 15.76 5.98 -9.23
C GLY B 26 14.97 7.04 -9.97
N VAL B 27 14.55 8.08 -9.27
CA VAL B 27 13.73 9.15 -9.89
C VAL B 27 14.13 10.49 -9.27
N SER B 28 13.90 11.58 -9.98
CA SER B 28 14.28 12.91 -9.50
C SER B 28 13.14 13.56 -8.73
N VAL B 29 13.47 14.17 -7.60
CA VAL B 29 12.45 14.90 -6.80
C VAL B 29 12.08 16.17 -7.56
N THR B 30 12.76 16.47 -8.64
CA THR B 30 12.48 17.68 -9.40
C THR B 30 11.25 17.53 -10.31
N SER B 31 10.72 16.33 -10.44
CA SER B 31 9.56 16.07 -11.33
C SER B 31 8.39 17.02 -11.09
N ASP B 32 7.62 17.26 -12.12
CA ASP B 32 6.45 18.07 -12.01
C ASP B 32 5.18 17.23 -11.92
N ILE B 33 5.31 15.92 -12.05
CA ILE B 33 4.14 15.02 -12.05
C ILE B 33 4.05 14.20 -10.76
N TYR B 34 5.18 13.74 -10.31
CA TYR B 34 5.25 12.95 -9.06
C TYR B 34 5.07 13.85 -7.83
N TYR B 35 4.41 13.32 -6.81
CA TYR B 35 4.27 14.04 -5.52
C TYR B 35 4.84 13.15 -4.40
N TRP B 36 5.11 13.74 -3.25
CA TRP B 36 5.75 13.08 -2.12
C TRP B 36 4.90 13.20 -0.87
N THR B 37 4.88 12.12 -0.10
CA THR B 37 3.89 11.94 0.95
C THR B 37 4.54 11.37 2.19
N TRP B 38 3.99 11.74 3.34
CA TRP B 38 4.33 11.12 4.61
C TRP B 38 3.06 10.50 5.17
N ILE B 39 3.19 9.30 5.73
CA ILE B 39 2.04 8.64 6.41
C ILE B 39 2.56 8.06 7.72
N ARG B 40 1.81 7.83 8.67
CA ARG B 40 2.26 7.31 9.99
C ARG B 40 1.30 6.26 10.55
N GLN B 41 1.78 5.34 11.26
CA GLN B 41 1.00 4.27 11.93
C GLN B 41 1.34 4.30 13.42
N PRO B 42 0.45 4.90 14.23
CA PRO B 42 0.63 4.89 15.67
C PRO B 42 0.59 3.44 16.17
N PRO B 43 1.30 3.12 17.27
CA PRO B 43 1.30 1.78 17.82
C PRO B 43 -0.12 1.32 18.12
N GLY B 44 -0.46 0.13 17.64
CA GLY B 44 -1.79 -0.37 17.85
C GLY B 44 -2.87 0.20 16.96
N LYS B 45 -2.49 1.06 16.05
CA LYS B 45 -3.52 1.69 15.24
C LYS B 45 -3.34 1.50 13.77
N GLY B 46 -4.13 2.23 13.03
CA GLY B 46 -4.06 2.12 11.60
C GLY B 46 -3.20 3.14 10.91
N LEU B 47 -3.64 3.59 9.75
CA LEU B 47 -2.81 4.47 8.96
C LEU B 47 -3.34 5.90 8.91
N GLU B 48 -2.50 6.83 9.29
CA GLU B 48 -2.89 8.21 9.29
C GLU B 48 -2.07 9.05 8.32
N TRP B 49 -2.76 9.75 7.45
CA TRP B 49 -2.10 10.58 6.46
C TRP B 49 -1.56 11.87 7.09
N ILE B 50 -0.33 12.21 6.76
CA ILE B 50 0.28 13.43 7.30
C ILE B 50 0.16 14.53 6.27
N GLY B 51 0.68 14.32 5.08
CA GLY B 51 0.51 15.26 4.00
C GLY B 51 1.29 15.03 2.72
N TYR B 52 1.16 15.94 1.79
CA TYR B 52 1.90 15.86 0.53
C TYR B 52 2.61 17.17 0.20
N ILE B 53 3.61 17.04 -0.67
CA ILE B 53 4.32 18.19 -1.17
C ILE B 53 4.67 17.94 -2.66
N PHE B 54 4.63 18.96 -3.49
CA PHE B 54 4.97 18.90 -4.92
C PHE B 54 6.18 19.82 -5.12
N TYR B 55 7.03 19.57 -6.10
CA TYR B 55 8.20 20.42 -6.32
C TYR B 55 7.80 21.86 -6.65
N ASN B 56 6.60 22.04 -7.18
CA ASN B 56 6.10 23.37 -7.46
C ASN B 56 5.83 24.09 -6.16
N GLY B 57 5.98 23.40 -5.05
CA GLY B 57 5.85 24.04 -3.73
C GLY B 57 4.45 23.88 -3.21
N ASP B 58 3.58 23.35 -4.06
CA ASP B 58 2.22 23.13 -3.57
C ASP B 58 2.19 22.00 -2.54
N THR B 59 1.58 22.29 -1.40
CA THR B 59 1.54 21.35 -0.31
C THR B 59 0.18 21.29 0.36
N ASN B 60 -0.08 20.21 1.07
CA ASN B 60 -1.32 20.14 1.84
C ASN B 60 -1.07 19.18 2.99
N TYR B 61 -1.52 19.56 4.20
CA TYR B 61 -1.20 18.86 5.42
C TYR B 61 -2.49 18.48 6.13
N ASN B 62 -2.44 17.39 6.90
CA ASN B 62 -3.65 16.92 7.61
C ASN B 62 -4.10 17.94 8.66
N PRO B 63 -5.36 18.43 8.63
CA PRO B 63 -5.82 19.36 9.64
C PRO B 63 -5.59 18.89 11.08
N SER B 64 -5.72 17.60 11.32
CA SER B 64 -5.49 17.02 12.67
C SER B 64 -4.15 17.47 13.21
N LEU B 65 -3.17 17.69 12.34
CA LEU B 65 -1.82 18.00 12.86
C LEU B 65 -1.70 19.51 13.05
N LYS B 66 -2.83 20.20 12.93
CA LYS B 66 -2.82 21.66 13.17
C LYS B 66 -1.70 22.25 12.33
N SER B 67 -0.79 22.94 12.99
CA SER B 67 0.27 23.62 12.23
C SER B 67 1.60 23.20 12.82
N ARG B 68 1.77 21.89 13.06
CA ARG B 68 3.12 21.46 13.52
C ARG B 68 3.83 20.79 12.35
N VAL B 69 3.31 20.89 11.13
CA VAL B 69 3.75 20.07 10.01
C VAL B 69 4.44 20.94 8.97
N THR B 70 5.62 20.51 8.54
CA THR B 70 6.45 21.11 7.50
C THR B 70 7.02 19.98 6.67
N MET B 71 6.99 20.12 5.34
CA MET B 71 7.78 19.26 4.45
C MET B 71 8.61 20.14 3.52
N SER B 72 9.73 19.59 3.10
CA SER B 72 10.56 20.29 2.20
C SER B 72 11.16 19.28 1.27
N ILE B 73 11.90 19.74 0.27
CA ILE B 73 12.50 18.83 -0.76
C ILE B 73 13.90 19.37 -0.99
N ASP B 74 14.89 18.49 -0.95
CA ASP B 74 16.31 18.90 -1.16
C ASP B 74 16.75 18.37 -2.52
N THR B 75 16.70 19.22 -3.54
CA THR B 75 17.09 18.84 -4.92
C THR B 75 18.51 18.32 -4.89
N SER B 76 19.38 18.93 -4.07
CA SER B 76 20.82 18.56 -4.04
C SER B 76 21.00 17.09 -3.62
N LYS B 77 20.23 16.64 -2.63
CA LYS B 77 20.41 15.24 -2.13
C LYS B 77 19.33 14.29 -2.68
N ASN B 78 18.39 14.80 -3.45
CA ASN B 78 17.28 14.01 -4.01
C ASN B 78 16.54 13.42 -2.85
N GLU B 79 16.15 14.29 -1.93
CA GLU B 79 15.42 13.84 -0.79
CA GLU B 79 15.41 13.81 -0.80
C GLU B 79 14.24 14.75 -0.43
N PHE B 80 13.37 14.17 0.34
CA PHE B 80 12.32 15.08 0.88
C PHE B 80 12.34 14.84 2.39
N SER B 81 11.61 15.67 3.10
CA SER B 81 11.62 15.64 4.54
CA SER B 81 11.62 15.62 4.54
C SER B 81 10.31 16.06 5.25
N LEU B 82 10.31 15.78 6.53
CA LEU B 82 9.16 16.12 7.34
C LEU B 82 9.66 16.68 8.65
N ARG B 83 8.97 17.69 9.14
CA ARG B 83 9.27 18.29 10.41
C ARG B 83 8.00 18.41 11.20
N LEU B 84 8.03 17.87 12.39
CA LEU B 84 6.85 17.93 13.25
C LEU B 84 7.25 18.47 14.61
N THR B 85 6.57 19.55 15.02
CA THR B 85 6.96 20.29 16.24
C THR B 85 6.06 20.00 17.44
N SER B 86 6.53 20.34 18.64
CA SER B 86 5.72 20.18 19.87
C SER B 86 5.23 18.73 19.93
N VAL B 87 6.16 17.80 19.76
CA VAL B 87 5.83 16.35 19.72
C VAL B 87 5.39 15.81 21.09
N THR B 88 4.35 14.99 21.12
CA THR B 88 3.88 14.32 22.36
C THR B 88 4.03 12.82 22.12
N ALA B 89 3.62 12.01 23.08
CA ALA B 89 3.71 10.55 22.93
C ALA B 89 2.76 10.11 21.83
N ALA B 90 1.74 10.92 21.55
CA ALA B 90 0.75 10.59 20.52
C ALA B 90 1.39 10.65 19.12
N ASP B 91 2.63 11.13 19.05
CA ASP B 91 3.36 11.22 17.75
C ASP B 91 4.29 10.01 17.64
N THR B 92 4.32 9.16 18.66
CA THR B 92 5.13 7.91 18.57
C THR B 92 4.52 7.06 17.44
N ALA B 93 5.33 6.63 16.48
CA ALA B 93 4.76 5.93 15.34
C ALA B 93 5.86 5.43 14.40
N VAL B 94 5.45 4.50 13.52
CA VAL B 94 6.24 4.20 12.33
C VAL B 94 5.89 5.27 11.30
N TYR B 95 6.90 5.93 10.70
CA TYR B 95 6.69 6.97 9.70
C TYR B 95 7.02 6.43 8.31
N PHE B 96 6.10 6.61 7.37
CA PHE B 96 6.25 6.11 6.01
C PHE B 96 6.43 7.29 5.06
N CYS B 97 7.41 7.22 4.17
CA CYS B 97 7.42 8.12 3.03
C CYS B 97 6.95 7.36 1.78
N ALA B 98 6.44 8.11 0.80
CA ALA B 98 5.84 7.47 -0.37
C ALA B 98 5.81 8.46 -1.54
N ARG B 99 5.86 7.90 -2.74
CA ARG B 99 5.65 8.64 -3.98
C ARG B 99 4.27 8.34 -4.55
N GLY B 100 3.69 9.35 -5.21
CA GLY B 100 2.51 9.17 -6.04
C GLY B 100 2.71 9.90 -7.35
N THR B 101 1.76 9.72 -8.26
CA THR B 101 1.84 10.32 -9.61
C THR B 101 0.54 11.07 -9.90
N GLU B 102 0.57 12.40 -10.06
CA GLU B 102 -0.67 13.20 -10.32
C GLU B 102 -1.51 12.50 -11.38
N ASP B 103 -2.80 12.28 -11.09
CA ASP B 103 -3.68 11.49 -11.98
C ASP B 103 -5.11 11.93 -11.73
N LEU B 104 -5.46 13.15 -12.13
CA LEU B 104 -6.75 13.75 -11.82
C LEU B 104 -7.99 13.01 -12.29
N GLY B 105 -7.84 12.11 -13.22
CA GLY B 105 -8.97 11.32 -13.64
C GLY B 105 -9.40 10.23 -12.68
N TYR B 106 -8.54 9.88 -11.74
CA TYR B 106 -8.82 8.78 -10.83
C TYR B 106 -8.39 9.06 -9.39
N CYS B 107 -7.92 10.25 -9.12
CA CYS B 107 -7.46 10.64 -7.80
C CYS B 107 -7.48 12.14 -7.64
N SER B 108 -7.86 12.60 -6.47
CA SER B 108 -7.79 14.02 -6.17
C SER B 108 -6.28 14.32 -6.09
N SER B 109 -5.88 15.57 -6.23
CA SER B 109 -4.45 15.92 -6.24
C SER B 109 -3.67 15.46 -5.04
N GLY B 110 -2.46 14.99 -5.29
CA GLY B 110 -1.59 14.53 -4.23
C GLY B 110 -2.18 13.56 -3.23
N SER B 111 -3.18 12.81 -3.62
CA SER B 111 -3.89 11.95 -2.68
C SER B 111 -3.78 10.43 -2.87
N CYS B 112 -2.82 9.91 -3.62
CA CYS B 112 -2.75 8.48 -3.90
C CYS B 112 -1.30 7.96 -3.89
N PRO B 113 -0.65 8.00 -2.71
CA PRO B 113 0.72 7.46 -2.65
C PRO B 113 0.69 5.99 -3.07
N ASN B 114 1.59 5.62 -3.96
CA ASN B 114 1.51 4.28 -4.50
C ASN B 114 2.83 3.55 -4.47
N HIS B 115 3.89 4.17 -3.99
CA HIS B 115 5.15 3.49 -3.81
C HIS B 115 5.66 3.95 -2.47
N TRP B 116 5.60 3.08 -1.51
CA TRP B 116 5.97 3.41 -0.14
C TRP B 116 7.28 2.80 0.28
N GLY B 117 7.93 3.47 1.25
CA GLY B 117 9.06 2.87 1.93
C GLY B 117 8.64 1.90 3.07
N GLN B 118 9.58 1.20 3.64
CA GLN B 118 9.27 0.25 4.69
C GLN B 118 8.90 0.92 6.00
N GLY B 119 9.23 2.21 6.14
CA GLY B 119 8.89 2.92 7.35
C GLY B 119 10.04 2.97 8.36
N THR B 120 9.94 3.90 9.30
CA THR B 120 10.94 4.02 10.39
C THR B 120 10.22 4.37 11.71
N LEU B 121 10.59 3.67 12.78
CA LEU B 121 9.95 3.88 14.10
C LEU B 121 10.47 5.14 14.78
N VAL B 122 9.56 5.98 15.26
CA VAL B 122 9.95 7.15 16.07
C VAL B 122 9.23 7.09 17.42
N THR B 123 9.99 6.98 18.50
CA THR B 123 9.42 6.95 19.85
C THR B 123 9.55 8.33 20.50
N VAL B 124 8.45 8.88 21.02
CA VAL B 124 8.55 10.13 21.77
C VAL B 124 8.45 9.80 23.25
N SER B 125 9.57 9.84 23.98
CA SER B 125 9.45 9.98 25.45
C SER B 125 10.69 10.65 26.02
N SER B 126 10.62 11.06 27.28
CA SER B 126 11.74 11.73 27.99
C SER B 126 12.69 10.70 28.57
N ALA B 127 12.35 9.42 28.41
CA ALA B 127 13.17 8.34 28.96
C ALA B 127 14.53 8.29 28.28
N SER B 128 15.48 7.60 28.89
CA SER B 128 16.85 7.63 28.35
C SER B 128 17.19 6.35 27.63
N THR B 129 17.98 6.50 26.60
CA THR B 129 18.47 5.31 25.92
C THR B 129 19.10 4.38 26.93
N LYS B 130 19.01 3.08 26.69
CA LYS B 130 19.66 2.10 27.54
C LYS B 130 19.76 0.78 26.80
N GLY B 131 20.92 0.18 26.85
CA GLY B 131 21.10 -1.09 26.22
C GLY B 131 20.72 -2.28 27.08
N PRO B 132 20.60 -3.44 26.44
CA PRO B 132 20.13 -4.56 27.22
C PRO B 132 21.13 -5.49 27.76
N SER B 133 20.69 -6.26 28.73
CA SER B 133 21.50 -7.29 29.24
C SER B 133 20.97 -8.51 28.53
N VAL B 134 21.85 -9.43 28.21
CA VAL B 134 21.42 -10.67 27.59
C VAL B 134 21.76 -11.88 28.45
N PHE B 135 20.78 -12.72 28.71
CA PHE B 135 20.98 -13.87 29.55
C PHE B 135 20.56 -15.16 28.84
N PRO B 136 21.26 -16.23 29.12
CA PRO B 136 20.95 -17.50 28.47
C PRO B 136 19.76 -18.26 29.04
N LEU B 137 18.98 -18.85 28.16
CA LEU B 137 17.89 -19.68 28.58
C LEU B 137 18.41 -21.07 28.23
N ALA B 138 19.04 -21.70 29.20
CA ALA B 138 19.68 -22.99 28.97
C ALA B 138 18.78 -24.17 28.71
N PRO B 139 19.25 -25.04 27.81
CA PRO B 139 18.46 -26.23 27.58
C PRO B 139 18.54 -27.09 28.85
N SER B 140 17.38 -27.51 29.37
CA SER B 140 17.34 -28.24 30.66
C SER B 140 18.04 -29.59 30.61
N SER B 141 18.56 -30.02 31.77
CA SER B 141 19.23 -31.33 31.88
C SER B 141 18.23 -32.45 31.61
N LYS B 142 16.90 -32.04 31.68
CA LYS B 142 15.84 -32.99 31.35
C LYS B 142 15.69 -33.07 29.84
N SER B 143 16.49 -34.02 29.17
CA SER B 143 16.50 -34.00 27.68
C SER B 143 15.60 -35.08 27.07
N THR B 144 15.83 -35.41 25.79
CA THR B 144 15.04 -36.49 25.13
C THR B 144 13.54 -36.27 25.31
N SER B 145 13.09 -35.04 25.60
CA SER B 145 11.64 -34.73 25.68
C SER B 145 11.07 -34.58 24.28
N GLY B 146 10.39 -35.60 23.75
CA GLY B 146 9.93 -35.52 22.35
C GLY B 146 11.12 -35.57 21.41
N GLY B 147 12.32 -35.92 21.91
CA GLY B 147 13.54 -35.87 21.08
C GLY B 147 13.93 -34.43 20.82
N THR B 148 13.10 -33.49 21.30
CA THR B 148 13.34 -32.07 20.99
C THR B 148 13.56 -31.26 22.27
N ALA B 149 14.55 -30.37 22.25
CA ALA B 149 14.79 -29.49 23.41
C ALA B 149 14.61 -28.04 22.97
N ALA B 150 14.46 -27.16 23.94
CA ALA B 150 14.31 -25.73 23.64
C ALA B 150 15.36 -24.90 24.39
N LEU B 151 15.92 -23.90 23.72
CA LEU B 151 16.87 -23.02 24.38
C LEU B 151 16.64 -21.63 23.82
N GLY B 152 17.27 -20.66 24.43
CA GLY B 152 17.17 -19.30 23.96
C GLY B 152 17.93 -18.26 24.72
N CYS B 153 17.62 -17.00 24.46
CA CYS B 153 18.24 -15.88 25.12
C CYS B 153 17.21 -14.86 25.58
N LEU B 154 17.39 -14.33 26.78
CA LEU B 154 16.53 -13.26 27.29
C LEU B 154 17.24 -11.92 27.12
N VAL B 155 16.59 -10.97 26.49
CA VAL B 155 17.15 -9.66 26.21
C VAL B 155 16.37 -8.67 27.04
N LYS B 156 16.92 -8.27 28.17
CA LYS B 156 16.16 -7.46 29.13
C LYS B 156 16.59 -6.04 29.43
N ASP B 157 15.62 -5.22 29.77
CA ASP B 157 15.89 -3.88 30.22
C ASP B 157 16.59 -3.00 29.22
N TYR B 158 15.88 -2.63 28.16
CA TYR B 158 16.44 -1.76 27.15
C TYR B 158 15.48 -0.69 26.69
N PHE B 159 16.00 0.33 26.03
CA PHE B 159 15.21 1.42 25.51
C PHE B 159 16.10 2.14 24.51
N PRO B 160 15.52 2.74 23.48
CA PRO B 160 14.17 2.44 23.00
C PRO B 160 14.14 1.24 22.09
N GLU B 161 12.99 0.93 21.53
CA GLU B 161 12.93 -0.10 20.52
C GLU B 161 13.69 0.45 19.31
N PRO B 162 14.26 -0.43 18.49
CA PRO B 162 14.09 -1.86 18.48
C PRO B 162 15.35 -2.66 18.69
N VAL B 163 15.21 -3.96 18.79
CA VAL B 163 16.35 -4.81 18.92
C VAL B 163 16.21 -5.88 17.87
N THR B 164 17.33 -6.42 17.43
CA THR B 164 17.27 -7.50 16.49
C THR B 164 18.06 -8.66 17.03
N VAL B 165 17.56 -9.85 16.76
CA VAL B 165 18.20 -11.04 17.23
C VAL B 165 18.36 -12.08 16.13
N SER B 166 19.52 -12.69 16.11
CA SER B 166 19.81 -13.75 15.14
C SER B 166 20.43 -14.92 15.87
N TRP B 167 20.53 -16.07 15.24
CA TRP B 167 21.20 -17.21 15.83
C TRP B 167 22.33 -17.81 14.95
N ASN B 168 23.48 -18.06 15.57
CA ASN B 168 24.64 -18.67 14.84
C ASN B 168 24.96 -17.81 13.61
N SER B 169 24.85 -16.50 13.76
CA SER B 169 25.18 -15.52 12.68
C SER B 169 24.33 -15.75 11.41
N GLY B 170 23.13 -16.32 11.55
CA GLY B 170 22.19 -16.47 10.41
C GLY B 170 22.09 -17.90 9.94
N ALA B 171 22.91 -18.78 10.48
CA ALA B 171 22.93 -20.17 10.07
C ALA B 171 21.86 -21.01 10.72
N LEU B 172 21.25 -20.49 11.78
CA LEU B 172 20.15 -21.21 12.41
C LEU B 172 18.92 -20.35 12.34
N THR B 173 17.94 -20.81 11.57
CA THR B 173 16.71 -20.06 11.42
C THR B 173 15.49 -20.97 11.63
N SER B 174 15.62 -22.22 11.28
CA SER B 174 14.52 -23.13 11.44
C SER B 174 14.18 -23.20 12.91
N GLY B 175 12.90 -23.05 13.21
CA GLY B 175 12.50 -23.27 14.61
C GLY B 175 12.82 -22.11 15.54
N VAL B 176 13.27 -20.99 15.04
CA VAL B 176 13.50 -19.85 15.87
C VAL B 176 12.20 -19.07 16.08
N HIS B 177 11.97 -18.59 17.29
CA HIS B 177 10.83 -17.72 17.57
C HIS B 177 11.39 -16.56 18.40
N THR B 178 11.47 -15.41 17.79
CA THR B 178 11.93 -14.22 18.48
C THR B 178 10.67 -13.39 18.78
N PHE B 179 10.34 -13.28 20.05
CA PHE B 179 9.09 -12.61 20.42
C PHE B 179 9.08 -11.10 20.41
N PRO B 180 7.90 -10.54 20.18
CA PRO B 180 7.80 -9.10 20.29
C PRO B 180 8.11 -8.67 21.73
N ALA B 181 8.80 -7.54 21.87
CA ALA B 181 9.14 -7.03 23.20
C ALA B 181 7.88 -6.65 23.98
N VAL B 182 7.96 -6.73 25.32
CA VAL B 182 6.91 -6.17 26.17
C VAL B 182 7.48 -4.94 26.85
N LEU B 183 6.61 -4.04 27.23
CA LEU B 183 6.99 -2.85 27.99
C LEU B 183 6.83 -3.22 29.47
N GLN B 184 7.96 -3.36 30.19
CA GLN B 184 7.84 -3.71 31.59
C GLN B 184 7.36 -2.52 32.41
N SER B 185 6.93 -2.78 33.67
CA SER B 185 6.46 -1.71 34.54
C SER B 185 7.57 -0.71 34.85
N SER B 186 8.83 -1.05 34.63
CA SER B 186 9.95 -0.13 34.77
C SER B 186 10.04 0.90 33.66
N GLY B 187 9.32 0.69 32.58
CA GLY B 187 9.43 1.56 31.42
C GLY B 187 10.43 1.02 30.45
N LEU B 188 11.09 -0.06 30.82
CA LEU B 188 12.03 -0.70 29.92
C LEU B 188 11.48 -1.93 29.21
N TYR B 189 12.01 -2.20 28.04
CA TYR B 189 11.55 -3.31 27.25
C TYR B 189 12.30 -4.59 27.52
N SER B 190 11.67 -5.70 27.19
CA SER B 190 12.28 -7.01 27.35
C SER B 190 11.69 -7.98 26.35
N LEU B 191 12.52 -8.82 25.81
CA LEU B 191 12.08 -9.82 24.89
C LEU B 191 12.90 -11.06 24.98
N SER B 192 12.39 -12.12 24.44
CA SER B 192 13.15 -13.36 24.39
CA SER B 192 13.17 -13.35 24.39
C SER B 192 13.19 -14.00 22.97
N SER B 193 14.26 -14.73 22.67
CA SER B 193 14.32 -15.47 21.41
C SER B 193 14.57 -16.90 21.81
N VAL B 194 13.86 -17.80 21.18
CA VAL B 194 14.00 -19.20 21.48
C VAL B 194 14.13 -20.02 20.22
N VAL B 195 14.59 -21.23 20.38
CA VAL B 195 14.74 -22.11 19.26
C VAL B 195 14.59 -23.56 19.71
N THR B 196 13.86 -24.37 18.96
CA THR B 196 13.83 -25.78 19.28
C THR B 196 14.82 -26.52 18.37
N VAL B 197 15.55 -27.45 18.97
CA VAL B 197 16.61 -28.19 18.29
C VAL B 197 16.59 -29.62 18.78
N PRO B 198 17.18 -30.54 18.00
CA PRO B 198 17.30 -31.93 18.47
C PRO B 198 18.10 -32.02 19.76
N SER B 199 17.53 -32.75 20.72
CA SER B 199 18.23 -33.04 21.96
C SER B 199 19.49 -33.83 21.70
N SER B 200 19.47 -34.60 20.60
CA SER B 200 20.63 -35.35 20.15
C SER B 200 21.84 -34.45 19.97
N SER B 201 21.61 -33.17 19.66
CA SER B 201 22.65 -32.25 19.22
C SER B 201 23.18 -31.37 20.33
N LEU B 202 22.68 -31.50 21.54
CA LEU B 202 23.08 -30.52 22.60
C LEU B 202 24.58 -30.60 22.95
N GLY B 203 25.18 -31.78 22.90
CA GLY B 203 26.60 -31.86 23.30
C GLY B 203 27.51 -31.38 22.21
N THR B 204 27.17 -31.69 20.97
CA THR B 204 28.05 -31.37 19.82
C THR B 204 27.83 -29.95 19.30
N GLN B 205 26.59 -29.59 19.00
CA GLN B 205 26.35 -28.29 18.32
C GLN B 205 26.51 -27.10 19.25
N THR B 206 27.06 -26.01 18.73
CA THR B 206 27.15 -24.77 19.52
C THR B 206 26.01 -23.85 19.06
N TYR B 207 25.41 -23.10 20.00
CA TYR B 207 24.36 -22.15 19.67
C TYR B 207 24.67 -20.81 20.29
N ILE B 208 24.54 -19.80 19.49
CA ILE B 208 24.83 -18.42 19.94
C ILE B 208 23.74 -17.50 19.42
N CYS B 209 23.26 -16.58 20.24
CA CYS B 209 22.30 -15.57 19.82
C CYS B 209 23.04 -14.25 19.65
N ASN B 210 22.81 -13.65 18.53
CA ASN B 210 23.41 -12.40 18.23
C ASN B 210 22.33 -11.36 18.43
N VAL B 211 22.59 -10.45 19.32
CA VAL B 211 21.64 -9.41 19.60
C VAL B 211 22.22 -8.09 19.22
N ASN B 212 21.40 -7.20 18.71
CA ASN B 212 21.85 -5.87 18.32
C ASN B 212 20.89 -4.80 18.70
N HIS B 213 21.33 -3.88 19.55
CA HIS B 213 20.51 -2.76 19.94
C HIS B 213 21.23 -1.54 19.40
N LYS B 214 20.85 -1.14 18.20
CA LYS B 214 21.51 -0.04 17.56
C LYS B 214 21.49 1.29 18.31
N PRO B 215 20.38 1.61 18.96
CA PRO B 215 20.35 2.90 19.62
C PRO B 215 21.34 3.05 20.77
N SER B 216 21.83 1.97 21.33
CA SER B 216 22.83 2.00 22.39
C SER B 216 24.13 1.48 21.87
N ASN B 217 24.15 1.10 20.61
CA ASN B 217 25.32 0.53 20.00
C ASN B 217 25.78 -0.74 20.68
N THR B 218 24.84 -1.51 21.21
CA THR B 218 25.18 -2.72 21.88
C THR B 218 25.09 -3.88 20.94
N LYS B 219 26.17 -4.61 20.79
CA LYS B 219 26.16 -5.79 19.98
C LYS B 219 26.66 -6.86 20.90
N VAL B 220 25.87 -7.90 21.07
CA VAL B 220 26.27 -8.96 22.04
C VAL B 220 26.07 -10.34 21.43
N ASP B 221 27.05 -11.22 21.62
CA ASP B 221 26.93 -12.63 21.17
C ASP B 221 26.95 -13.49 22.44
N LYS B 222 25.84 -14.17 22.74
CA LYS B 222 25.76 -14.91 24.01
C LYS B 222 25.75 -16.41 23.74
N ARG B 223 26.78 -17.06 24.23
CA ARG B 223 26.87 -18.50 24.09
C ARG B 223 25.80 -19.14 24.95
N VAL B 224 24.88 -19.91 24.39
CA VAL B 224 23.90 -20.65 25.22
C VAL B 224 24.24 -22.12 25.37
N GLU B 225 24.47 -22.58 26.60
CA GLU B 225 24.93 -23.96 26.80
C GLU B 225 24.16 -24.87 27.72
N PRO B 226 24.21 -26.15 27.44
CA PRO B 226 23.43 -27.13 28.22
C PRO B 226 23.75 -27.11 29.69
N LYS B 227 22.65 -27.23 30.43
CA LYS B 227 22.71 -27.24 31.86
C LYS B 227 23.09 -28.64 32.30
N ASP C 1 -12.07 13.79 7.60
CA ASP C 1 -13.51 13.91 7.69
C ASP C 1 -14.25 12.76 7.00
N ILE C 2 -13.88 12.38 5.78
CA ILE C 2 -14.55 11.23 5.19
C ILE C 2 -14.13 10.05 6.02
N VAL C 3 -15.11 9.41 6.61
CA VAL C 3 -14.79 8.35 7.57
C VAL C 3 -14.92 7.02 6.81
N MET C 4 -13.92 6.15 6.95
CA MET C 4 -13.86 4.93 6.14
C MET C 4 -14.10 3.75 7.08
N THR C 5 -15.19 3.05 6.88
CA THR C 5 -15.56 1.94 7.75
C THR C 5 -15.42 0.59 7.07
N GLN C 6 -14.46 -0.18 7.52
CA GLN C 6 -14.23 -1.51 6.95
C GLN C 6 -14.85 -2.65 7.75
N SER C 7 -15.22 -3.73 7.06
CA SER C 7 -15.77 -4.92 7.70
C SER C 7 -15.40 -6.21 6.93
N PRO C 8 -14.99 -7.25 7.65
CA PRO C 8 -14.80 -7.18 9.09
C PRO C 8 -13.47 -6.56 9.52
N SER C 9 -13.21 -6.47 10.82
CA SER C 9 -11.95 -5.98 11.34
C SER C 9 -10.90 -7.08 11.42
N SER C 10 -11.31 -8.32 11.47
CA SER C 10 -10.42 -9.45 11.48
C SER C 10 -11.16 -10.63 10.95
N LEU C 11 -10.41 -11.55 10.39
CA LEU C 11 -11.00 -12.76 9.91
C LEU C 11 -10.02 -13.89 9.78
N SER C 12 -10.52 -15.09 9.93
CA SER C 12 -9.69 -16.28 9.74
CA SER C 12 -9.69 -16.28 9.73
C SER C 12 -10.30 -17.17 8.62
N ALA C 13 -9.47 -17.52 7.68
CA ALA C 13 -9.95 -18.35 6.59
C ALA C 13 -8.99 -19.45 6.15
N SER C 14 -9.55 -20.48 5.56
CA SER C 14 -8.75 -21.59 5.12
C SER C 14 -8.05 -21.31 3.78
N ILE C 15 -6.91 -21.93 3.52
CA ILE C 15 -6.26 -21.80 2.23
C ILE C 15 -7.19 -22.34 1.13
N GLY C 16 -7.38 -21.57 0.06
CA GLY C 16 -8.32 -21.93 -1.01
C GLY C 16 -9.66 -21.24 -0.87
N ASP C 17 -9.93 -20.66 0.28
CA ASP C 17 -11.17 -19.97 0.50
C ASP C 17 -11.25 -18.62 -0.22
N ARG C 18 -12.47 -18.16 -0.46
CA ARG C 18 -12.69 -16.84 -1.07
C ARG C 18 -13.00 -15.86 0.06
N VAL C 19 -12.20 -14.81 0.17
CA VAL C 19 -12.37 -13.83 1.27
C VAL C 19 -12.96 -12.55 0.69
N THR C 20 -13.83 -11.94 1.45
CA THR C 20 -14.41 -10.70 1.05
C THR C 20 -14.26 -9.66 2.16
N ILE C 21 -13.66 -8.55 1.83
CA ILE C 21 -13.51 -7.47 2.77
C ILE C 21 -14.27 -6.27 2.23
N THR C 22 -15.08 -5.67 3.06
CA THR C 22 -15.93 -4.56 2.63
C THR C 22 -15.51 -3.20 3.20
N CYS C 23 -15.80 -2.13 2.45
CA CYS C 23 -15.43 -0.77 2.82
C CYS C 23 -16.60 0.15 2.52
N ARG C 24 -17.09 0.87 3.54
CA ARG C 24 -18.08 1.92 3.29
C ARG C 24 -17.60 3.29 3.75
N PRO C 25 -17.56 4.28 2.87
CA PRO C 25 -17.28 5.68 3.27
C PRO C 25 -18.55 6.39 3.72
N SER C 26 -18.34 7.49 4.44
CA SER C 26 -19.43 8.33 5.02
C SER C 26 -20.21 9.09 3.94
N GLN C 27 -19.66 9.21 2.74
CA GLN C 27 -20.37 9.87 1.62
C GLN C 27 -20.03 9.15 0.33
N ASN C 28 -20.70 9.50 -0.77
CA ASN C 28 -20.35 8.90 -2.08
C ASN C 28 -18.97 9.42 -2.51
N ILE C 29 -18.13 8.54 -3.03
CA ILE C 29 -16.78 8.89 -3.46
C ILE C 29 -16.47 8.38 -4.86
N ARG C 30 -17.51 8.01 -5.57
CA ARG C 30 -17.36 7.51 -6.91
C ARG C 30 -16.44 6.30 -6.90
N SER C 31 -15.38 6.33 -7.67
CA SER C 31 -14.42 5.23 -7.70
C SER C 31 -13.06 5.68 -7.18
N PHE C 32 -13.08 6.65 -6.28
CA PHE C 32 -11.86 7.19 -5.73
C PHE C 32 -11.56 6.42 -4.46
N LEU C 33 -11.27 5.14 -4.63
CA LEU C 33 -10.97 4.27 -3.53
C LEU C 33 -9.93 3.27 -3.95
N ASN C 34 -8.95 3.07 -3.11
CA ASN C 34 -7.88 2.15 -3.39
C ASN C 34 -7.74 1.15 -2.23
N TRP C 35 -7.10 0.03 -2.50
CA TRP C 35 -6.89 -1.00 -1.49
C TRP C 35 -5.44 -1.30 -1.33
N PHE C 36 -4.99 -1.35 -0.10
CA PHE C 36 -3.62 -1.67 0.19
C PHE C 36 -3.41 -2.97 0.97
N GLN C 37 -2.26 -3.56 0.84
CA GLN C 37 -1.89 -4.71 1.60
C GLN C 37 -0.71 -4.33 2.49
N HIS C 38 -0.80 -4.66 3.75
CA HIS C 38 0.29 -4.37 4.67
C HIS C 38 0.73 -5.53 5.56
N LYS C 39 1.97 -5.92 5.43
CA LYS C 39 2.55 -6.96 6.29
C LYS C 39 3.47 -6.27 7.30
N PRO C 40 3.47 -6.70 8.57
CA PRO C 40 4.32 -6.09 9.59
C PRO C 40 5.78 -5.91 9.14
N GLY C 41 6.29 -4.69 9.27
CA GLY C 41 7.71 -4.43 8.98
C GLY C 41 8.02 -4.37 7.51
N LYS C 42 6.99 -4.35 6.68
CA LYS C 42 7.19 -4.24 5.22
C LYS C 42 6.51 -2.98 4.70
N ALA C 43 6.86 -2.59 3.48
CA ALA C 43 6.21 -1.41 2.87
C ALA C 43 4.79 -1.74 2.42
N PRO C 44 3.79 -0.91 2.78
CA PRO C 44 2.46 -1.10 2.18
C PRO C 44 2.51 -1.18 0.65
N LYS C 45 1.60 -2.00 0.12
CA LYS C 45 1.53 -2.21 -1.30
C LYS C 45 0.13 -1.95 -1.83
N LEU C 46 0.01 -1.12 -2.83
CA LEU C 46 -1.26 -0.84 -3.47
C LEU C 46 -1.69 -2.02 -4.38
N LEU C 47 -2.73 -2.69 -4.01
CA LEU C 47 -3.21 -3.81 -4.81
C LEU C 47 -4.25 -3.41 -5.86
N ILE C 48 -5.25 -2.65 -5.44
CA ILE C 48 -6.28 -2.21 -6.33
C ILE C 48 -6.35 -0.70 -6.35
N TYR C 49 -6.46 -0.13 -7.54
CA TYR C 49 -6.52 1.31 -7.71
C TYR C 49 -7.82 1.71 -8.35
N ALA C 50 -8.42 2.75 -7.83
CA ALA C 50 -9.65 3.25 -8.38
C ALA C 50 -10.71 2.19 -8.43
N ALA C 51 -10.92 1.55 -7.28
CA ALA C 51 -11.97 0.55 -7.12
C ALA C 51 -11.82 -0.84 -7.73
N SER C 52 -11.36 -0.90 -8.97
CA SER C 52 -11.31 -2.18 -9.66
C SER C 52 -10.06 -2.55 -10.41
N ASN C 53 -9.04 -1.72 -10.37
CA ASN C 53 -7.89 -1.96 -11.19
C ASN C 53 -6.70 -2.71 -10.57
N LEU C 54 -6.41 -3.93 -11.06
CA LEU C 54 -5.25 -4.64 -10.56
C LEU C 54 -3.95 -3.92 -10.84
N GLN C 55 -3.02 -3.96 -9.88
CA GLN C 55 -1.68 -3.45 -10.08
C GLN C 55 -0.66 -4.51 -10.46
N SER C 56 0.46 -4.06 -11.04
CA SER C 56 1.51 -4.96 -11.50
C SER C 56 2.08 -5.75 -10.33
N GLY C 57 2.33 -7.04 -10.57
CA GLY C 57 2.86 -7.90 -9.57
C GLY C 57 1.81 -8.48 -8.65
N VAL C 58 0.55 -8.13 -8.83
CA VAL C 58 -0.52 -8.57 -7.93
C VAL C 58 -1.26 -9.73 -8.61
N PRO C 59 -1.39 -10.89 -7.95
CA PRO C 59 -2.02 -12.05 -8.60
C PRO C 59 -3.47 -11.80 -8.97
N SER C 60 -3.93 -12.48 -10.03
CA SER C 60 -5.32 -12.31 -10.52
C SER C 60 -6.37 -12.75 -9.50
N ARG C 61 -5.98 -13.46 -8.44
CA ARG C 61 -6.97 -13.80 -7.41
C ARG C 61 -7.52 -12.55 -6.71
N PHE C 62 -6.75 -11.48 -6.74
CA PHE C 62 -7.17 -10.24 -6.10
C PHE C 62 -8.09 -9.45 -7.02
N SER C 63 -9.24 -9.09 -6.51
CA SER C 63 -10.20 -8.31 -7.27
C SER C 63 -10.86 -7.22 -6.45
N GLY C 64 -11.17 -6.10 -7.10
CA GLY C 64 -11.82 -4.99 -6.43
C GLY C 64 -13.08 -4.63 -7.20
N SER C 65 -14.12 -4.26 -6.47
CA SER C 65 -15.42 -4.02 -7.06
C SER C 65 -16.16 -2.96 -6.26
N GLY C 66 -17.18 -2.36 -6.87
CA GLY C 66 -18.03 -1.39 -6.14
C GLY C 66 -17.81 0.04 -6.57
N SER C 67 -18.69 0.92 -6.12
CA SER C 67 -18.57 2.37 -6.42
C SER C 67 -19.46 3.15 -5.45
N GLY C 68 -19.20 4.44 -5.29
CA GLY C 68 -20.09 5.29 -4.49
C GLY C 68 -19.97 5.09 -3.00
N THR C 69 -20.92 4.35 -2.39
CA THR C 69 -20.84 4.04 -0.95
C THR C 69 -20.60 2.61 -0.50
N GLU C 70 -20.21 1.73 -1.44
CA GLU C 70 -19.92 0.33 -1.10
C GLU C 70 -18.80 -0.22 -1.97
N PHE C 71 -17.79 -0.80 -1.31
CA PHE C 71 -16.64 -1.36 -2.04
C PHE C 71 -16.27 -2.73 -1.46
N THR C 72 -15.80 -3.62 -2.31
CA THR C 72 -15.41 -4.93 -1.87
C THR C 72 -14.09 -5.41 -2.44
N LEU C 73 -13.18 -5.83 -1.59
CA LEU C 73 -11.97 -6.43 -2.06
C LEU C 73 -12.24 -7.92 -1.96
N THR C 74 -11.97 -8.63 -3.02
CA THR C 74 -12.13 -10.07 -2.99
C THR C 74 -10.80 -10.79 -3.24
N ILE C 75 -10.50 -11.79 -2.42
CA ILE C 75 -9.31 -12.63 -2.61
C ILE C 75 -9.91 -14.00 -2.84
N ARG C 76 -9.85 -14.49 -4.04
CA ARG C 76 -10.54 -15.72 -4.38
C ARG C 76 -10.03 -17.10 -3.91
N SER C 77 -8.74 -17.28 -3.79
CA SER C 77 -8.21 -18.61 -3.43
C SER C 77 -7.11 -18.25 -2.47
N LEU C 78 -7.48 -17.99 -1.25
CA LEU C 78 -6.52 -17.51 -0.28
C LEU C 78 -5.24 -18.33 -0.22
N GLN C 79 -4.13 -17.64 -0.25
CA GLN C 79 -2.83 -18.31 -0.17
C GLN C 79 -2.09 -17.85 1.07
N PRO C 80 -1.06 -18.61 1.48
CA PRO C 80 -0.41 -18.28 2.77
C PRO C 80 0.23 -16.90 2.78
N GLU C 81 0.75 -16.48 1.64
CA GLU C 81 1.35 -15.17 1.49
C GLU C 81 0.36 -14.00 1.60
N ASP C 82 -0.91 -14.29 1.59
CA ASP C 82 -1.93 -13.26 1.65
C ASP C 82 -2.17 -12.84 3.10
N PHE C 83 -1.50 -13.50 4.04
CA PHE C 83 -1.53 -13.13 5.45
C PHE C 83 -1.09 -11.70 5.54
N ALA C 84 -1.97 -10.84 6.00
CA ALA C 84 -1.68 -9.44 6.09
C ALA C 84 -2.85 -8.63 6.61
N THR C 85 -2.63 -7.34 6.79
CA THR C 85 -3.72 -6.49 7.15
C THR C 85 -4.05 -5.66 5.89
N TYR C 86 -5.30 -5.58 5.55
CA TYR C 86 -5.74 -4.86 4.36
C TYR C 86 -6.45 -3.55 4.70
N TYR C 87 -6.19 -2.52 3.93
CA TYR C 87 -6.78 -1.22 4.16
C TYR C 87 -7.40 -0.58 2.91
N CYS C 88 -8.59 -0.02 3.05
CA CYS C 88 -9.15 0.74 1.96
C CYS C 88 -8.77 2.19 2.17
N GLN C 89 -8.66 2.94 1.10
CA GLN C 89 -8.30 4.35 1.16
C GLN C 89 -9.08 5.21 0.17
N GLN C 90 -9.71 6.24 0.70
CA GLN C 90 -10.45 7.14 -0.13
C GLN C 90 -9.53 8.27 -0.63
N SER C 91 -9.68 8.62 -1.88
CA SER C 91 -8.89 9.69 -2.51
C SER C 91 -9.77 10.80 -3.05
N TYR C 92 -10.97 10.95 -2.52
CA TYR C 92 -11.94 11.90 -3.03
C TYR C 92 -11.89 13.30 -2.38
N ASN C 93 -11.70 13.37 -1.08
CA ASN C 93 -11.57 14.66 -0.38
C ASN C 93 -10.16 14.90 0.19
N THR C 94 -9.74 16.16 0.31
CA THR C 94 -8.35 16.51 0.67
C THR C 94 -7.65 15.84 1.80
N PRO C 95 -8.36 15.58 2.88
CA PRO C 95 -7.60 14.81 3.85
C PRO C 95 -7.78 13.32 3.45
N PRO C 96 -6.82 12.74 2.74
CA PRO C 96 -6.97 11.31 2.45
C PRO C 96 -7.15 10.46 3.73
N THR C 97 -8.11 9.52 3.72
CA THR C 97 -8.39 8.71 4.92
C THR C 97 -8.43 7.18 4.65
N PHE C 98 -8.02 6.39 5.64
CA PHE C 98 -7.94 4.95 5.47
C PHE C 98 -9.00 4.29 6.35
N GLY C 99 -9.52 3.14 5.93
CA GLY C 99 -10.31 2.33 6.82
C GLY C 99 -9.46 1.84 7.99
N GLN C 100 -10.07 1.26 9.01
CA GLN C 100 -9.33 0.82 10.20
C GLN C 100 -8.47 -0.41 9.99
N GLY C 101 -8.72 -1.13 8.92
CA GLY C 101 -7.98 -2.32 8.65
C GLY C 101 -8.71 -3.61 8.87
N THR C 102 -8.32 -4.62 8.11
CA THR C 102 -8.89 -5.91 8.22
C THR C 102 -7.72 -6.92 8.23
N LYS C 103 -7.50 -7.56 9.37
CA LYS C 103 -6.41 -8.54 9.52
C LYS C 103 -6.82 -9.90 9.04
N VAL C 104 -6.04 -10.43 8.15
CA VAL C 104 -6.33 -11.75 7.63
C VAL C 104 -5.39 -12.84 8.13
N GLU C 105 -5.97 -13.77 8.83
CA GLU C 105 -5.22 -14.89 9.33
C GLU C 105 -5.69 -16.22 8.77
N ILE C 106 -4.90 -17.25 8.97
CA ILE C 106 -5.13 -18.53 8.35
C ILE C 106 -5.78 -19.45 9.40
N LYS C 107 -6.93 -20.00 9.05
CA LYS C 107 -7.56 -21.10 9.77
C LYS C 107 -6.89 -22.44 9.50
N ARG C 108 -6.59 -23.15 10.58
CA ARG C 108 -5.94 -24.48 10.48
C ARG C 108 -6.48 -25.42 11.57
N THR C 109 -5.99 -26.66 11.58
CA THR C 109 -6.48 -27.62 12.57
C THR C 109 -5.89 -27.26 13.94
N VAL C 110 -6.58 -27.71 15.00
CA VAL C 110 -6.04 -27.59 16.35
C VAL C 110 -4.67 -28.25 16.47
N ALA C 111 -3.75 -27.57 17.12
CA ALA C 111 -2.43 -28.11 17.41
C ALA C 111 -2.06 -27.74 18.85
N ALA C 112 -1.66 -28.74 19.67
CA ALA C 112 -1.31 -28.49 21.08
C ALA C 112 0.10 -27.90 21.19
N PRO C 113 0.35 -27.00 22.15
CA PRO C 113 1.72 -26.49 22.33
C PRO C 113 2.63 -27.57 22.88
N SER C 114 3.92 -27.40 22.63
CA SER C 114 4.94 -28.15 23.35
CA SER C 114 4.93 -28.17 23.36
C SER C 114 5.28 -27.05 24.47
N VAL C 115 5.51 -27.45 25.71
CA VAL C 115 5.69 -26.49 26.80
C VAL C 115 7.06 -26.67 27.42
N PHE C 116 7.74 -25.55 27.67
CA PHE C 116 9.10 -25.53 28.22
C PHE C 116 9.20 -24.45 29.30
N ILE C 117 9.89 -24.77 30.41
CA ILE C 117 10.15 -23.77 31.45
C ILE C 117 11.64 -23.50 31.57
N PHE C 118 11.98 -22.25 31.81
CA PHE C 118 13.35 -21.77 31.94
C PHE C 118 13.55 -21.07 33.27
N PRO C 119 14.37 -21.62 34.17
CA PRO C 119 14.75 -20.90 35.39
C PRO C 119 15.61 -19.68 35.08
N PRO C 120 15.57 -18.74 36.03
CA PRO C 120 16.44 -17.59 35.87
C PRO C 120 17.90 -18.01 35.76
N SER C 121 18.65 -17.18 35.07
CA SER C 121 20.07 -17.42 34.91
C SER C 121 20.89 -17.00 36.13
N ASP C 122 21.97 -17.72 36.38
CA ASP C 122 22.88 -17.33 37.46
C ASP C 122 23.45 -15.96 37.19
N GLU C 123 23.68 -15.64 35.93
CA GLU C 123 24.17 -14.32 35.58
C GLU C 123 23.16 -13.30 36.00
N GLN C 124 21.92 -13.53 35.65
CA GLN C 124 20.88 -12.61 36.03
C GLN C 124 20.79 -12.51 37.51
N LEU C 125 20.82 -13.65 38.15
CA LEU C 125 20.64 -13.68 39.58
C LEU C 125 21.63 -12.76 40.31
N LYS C 126 22.81 -12.58 39.75
CA LYS C 126 23.79 -11.65 40.34
C LYS C 126 23.31 -10.21 40.36
N SER C 127 22.23 -9.91 39.66
CA SER C 127 21.80 -8.53 39.61
C SER C 127 20.57 -8.23 40.41
N GLY C 128 20.09 -9.19 41.16
CA GLY C 128 18.97 -8.91 42.03
C GLY C 128 17.58 -9.11 41.53
N THR C 129 17.47 -9.57 40.28
CA THR C 129 16.18 -9.84 39.73
C THR C 129 16.19 -11.21 39.11
N ALA C 130 15.05 -11.85 39.14
CA ALA C 130 14.90 -13.16 38.58
C ALA C 130 13.78 -13.16 37.57
N SER C 131 14.05 -13.72 36.41
CA SER C 131 13.02 -13.86 35.38
C SER C 131 12.86 -15.36 35.16
N VAL C 132 11.63 -15.85 35.27
CA VAL C 132 11.33 -17.23 34.96
C VAL C 132 10.50 -17.19 33.68
N VAL C 133 10.86 -18.02 32.73
CA VAL C 133 10.18 -17.97 31.45
C VAL C 133 9.53 -19.27 31.04
N CYS C 134 8.31 -19.16 30.55
CA CYS C 134 7.58 -20.31 30.09
C CYS C 134 7.28 -20.20 28.57
N LEU C 135 7.54 -21.26 27.82
CA LEU C 135 7.37 -21.26 26.37
C LEU C 135 6.25 -22.20 25.94
N LEU C 136 5.27 -21.71 25.18
CA LEU C 136 4.25 -22.53 24.56
C LEU C 136 4.63 -22.50 23.05
N ASN C 137 5.06 -23.63 22.50
CA ASN C 137 5.63 -23.65 21.13
C ASN C 137 4.71 -24.25 20.07
N ASN C 138 4.43 -23.49 19.01
CA ASN C 138 3.72 -24.00 17.81
C ASN C 138 2.34 -24.60 18.12
N PHE C 139 1.40 -23.74 18.49
CA PHE C 139 0.03 -24.17 18.81
C PHE C 139 -1.01 -23.40 17.98
N TYR C 140 -2.25 -23.89 17.94
CA TYR C 140 -3.38 -23.26 17.25
C TYR C 140 -4.66 -23.84 17.86
N PRO C 141 -5.64 -22.98 18.15
CA PRO C 141 -5.70 -21.54 17.91
C PRO C 141 -4.89 -20.74 18.92
N ARG C 142 -4.87 -19.42 18.74
CA ARG C 142 -4.05 -18.53 19.58
C ARG C 142 -4.42 -18.50 21.07
N GLU C 143 -5.69 -18.68 21.36
CA GLU C 143 -6.14 -18.64 22.74
C GLU C 143 -5.53 -19.76 23.60
N ALA C 144 -4.93 -19.33 24.71
CA ALA C 144 -4.28 -20.21 25.67
C ALA C 144 -4.32 -19.55 27.03
N LYS C 145 -4.34 -20.36 28.08
CA LYS C 145 -4.26 -19.84 29.44
C LYS C 145 -2.99 -20.38 30.05
N VAL C 146 -2.18 -19.47 30.61
CA VAL C 146 -0.91 -19.80 31.20
C VAL C 146 -0.96 -19.24 32.61
N GLN C 147 -0.84 -20.10 33.63
CA GLN C 147 -0.88 -19.68 35.03
C GLN C 147 0.46 -20.00 35.65
N TRP C 148 1.01 -19.06 36.40
CA TRP C 148 2.23 -19.30 37.15
C TRP C 148 1.89 -19.76 38.57
N LYS C 149 2.61 -20.76 39.08
CA LYS C 149 2.43 -21.20 40.46
C LYS C 149 3.80 -21.26 41.11
N VAL C 150 3.95 -20.65 42.29
CA VAL C 150 5.21 -20.64 43.05
C VAL C 150 4.90 -21.27 44.38
N ASP C 151 5.58 -22.38 44.67
CA ASP C 151 5.25 -23.21 45.83
C ASP C 151 3.77 -23.43 45.87
N ASN C 152 3.17 -23.80 44.76
CA ASN C 152 1.75 -24.10 44.68
CA ASN C 152 1.74 -24.10 44.68
C ASN C 152 0.75 -22.92 44.93
N ALA C 153 1.32 -21.72 44.92
CA ALA C 153 0.43 -20.58 45.03
C ALA C 153 0.29 -19.88 43.67
N LEU C 154 -0.95 -19.65 43.25
CA LEU C 154 -1.24 -18.93 42.00
C LEU C 154 -0.74 -17.50 42.07
N GLN C 155 0.01 -17.06 41.05
CA GLN C 155 0.51 -15.70 40.95
C GLN C 155 -0.49 -14.82 40.21
N SER C 156 -0.40 -13.52 40.41
CA SER C 156 -1.08 -12.66 39.45
C SER C 156 -0.51 -11.25 39.51
N GLY C 157 -0.50 -10.62 38.35
CA GLY C 157 0.01 -9.27 38.18
C GLY C 157 1.51 -9.14 38.07
N ASN C 158 2.26 -10.24 38.13
CA ASN C 158 3.72 -10.21 38.08
C ASN C 158 4.24 -10.94 36.83
N SER C 159 3.40 -11.09 35.81
CA SER C 159 3.84 -11.76 34.59
C SER C 159 3.32 -11.00 33.38
N GLN C 160 4.01 -11.20 32.24
CA GLN C 160 3.73 -10.55 30.96
C GLN C 160 3.88 -11.59 29.86
N GLU C 161 2.94 -11.57 28.92
CA GLU C 161 2.94 -12.48 27.79
C GLU C 161 3.27 -11.78 26.49
N SER C 162 3.81 -12.56 25.55
CA SER C 162 4.01 -12.06 24.21
C SER C 162 3.80 -13.22 23.24
N VAL C 163 3.21 -12.88 22.11
CA VAL C 163 2.89 -13.88 21.12
C VAL C 163 3.47 -13.56 19.76
N THR C 164 3.99 -14.58 19.09
CA THR C 164 4.49 -14.35 17.75
C THR C 164 3.33 -14.24 16.76
N GLU C 165 3.64 -13.75 15.57
CA GLU C 165 2.67 -13.76 14.48
C GLU C 165 2.60 -15.16 13.89
N GLN C 166 1.52 -15.44 13.18
CA GLN C 166 1.29 -16.78 12.66
C GLN C 166 2.45 -17.26 11.81
N ASP C 167 2.89 -18.50 12.06
CA ASP C 167 4.05 -19.05 11.32
C ASP C 167 3.72 -19.22 9.83
N SER C 168 4.70 -18.99 8.95
CA SER C 168 4.52 -19.06 7.49
C SER C 168 4.31 -20.51 7.00
N LYS C 169 4.92 -21.45 7.66
CA LYS C 169 4.85 -22.82 7.21
C LYS C 169 3.75 -23.63 7.87
N ASP C 170 3.55 -23.46 9.17
CA ASP C 170 2.58 -24.33 9.89
C ASP C 170 1.35 -23.55 10.40
N SER C 171 1.30 -22.23 10.18
CA SER C 171 0.12 -21.41 10.55
C SER C 171 -0.12 -21.49 12.08
N THR C 172 0.92 -21.84 12.83
CA THR C 172 0.85 -21.89 14.31
C THR C 172 1.29 -20.58 14.99
N TYR C 173 1.02 -20.46 16.28
CA TYR C 173 1.47 -19.35 17.10
C TYR C 173 2.43 -19.89 18.15
N SER C 174 3.32 -19.04 18.64
CA SER C 174 4.15 -19.41 19.79
C SER C 174 3.99 -18.30 20.82
N LEU C 175 4.20 -18.64 22.08
CA LEU C 175 3.96 -17.68 23.14
C LEU C 175 4.87 -17.84 24.33
N SER C 176 5.24 -16.70 24.88
CA SER C 176 6.06 -16.70 26.09
C SER C 176 5.30 -16.02 27.22
N SER C 177 5.49 -16.53 28.46
CA SER C 177 5.08 -15.86 29.70
C SER C 177 6.30 -15.71 30.59
N THR C 178 6.63 -14.47 30.94
CA THR C 178 7.71 -14.15 31.87
C THR C 178 7.24 -13.67 33.24
N LEU C 179 7.62 -14.44 34.27
CA LEU C 179 7.36 -14.12 35.67
C LEU C 179 8.54 -13.37 36.26
N THR C 180 8.27 -12.21 36.83
CA THR C 180 9.33 -11.40 37.36
C THR C 180 9.28 -11.32 38.89
N LEU C 181 10.39 -11.61 39.52
CA LEU C 181 10.47 -11.55 40.96
C LEU C 181 11.79 -11.05 41.45
N SER C 182 11.82 -10.49 42.64
CA SER C 182 13.07 -10.13 43.27
C SER C 182 13.89 -11.38 43.50
N LYS C 183 15.20 -11.23 43.51
CA LYS C 183 16.07 -12.33 43.84
C LYS C 183 15.76 -12.83 45.26
N ALA C 184 15.67 -11.92 46.19
CA ALA C 184 15.41 -12.26 47.61
C ALA C 184 14.20 -13.18 47.70
N ASP C 185 13.12 -12.81 47.01
CA ASP C 185 11.91 -13.62 47.06
C ASP C 185 12.09 -14.94 46.30
N TYR C 186 12.73 -14.88 45.12
CA TYR C 186 13.02 -16.13 44.37
C TYR C 186 13.68 -17.13 45.31
N GLU C 187 14.64 -16.66 46.09
CA GLU C 187 15.44 -17.54 46.99
C GLU C 187 14.64 -18.02 48.21
N LYS C 188 13.41 -17.53 48.41
CA LYS C 188 12.56 -17.98 49.53
C LYS C 188 11.64 -19.12 49.09
N HIS C 189 11.58 -19.42 47.81
CA HIS C 189 10.69 -20.44 47.29
C HIS C 189 11.42 -21.57 46.54
N LYS C 190 10.81 -22.74 46.45
CA LYS C 190 11.43 -23.83 45.73
C LYS C 190 10.81 -24.33 44.44
N VAL C 191 9.52 -24.33 44.35
CA VAL C 191 8.81 -25.03 43.24
C VAL C 191 8.24 -23.92 42.36
N TYR C 192 8.77 -23.81 41.15
CA TYR C 192 8.28 -22.83 40.16
C TYR C 192 7.59 -23.63 39.06
N ALA C 193 6.34 -23.28 38.76
CA ALA C 193 5.55 -24.07 37.79
C ALA C 193 4.80 -23.20 36.78
N CYS C 194 4.75 -23.66 35.53
CA CYS C 194 3.96 -23.00 34.47
C CYS C 194 2.89 -24.02 34.10
N GLU C 195 1.64 -23.64 34.22
CA GLU C 195 0.51 -24.52 33.93
C GLU C 195 -0.25 -23.98 32.71
N VAL C 196 -0.50 -24.86 31.73
CA VAL C 196 -0.97 -24.46 30.41
C VAL C 196 -2.25 -25.19 30.11
N THR C 197 -3.29 -24.43 29.77
CA THR C 197 -4.57 -24.91 29.27
C THR C 197 -4.73 -24.46 27.82
N HIS C 198 -5.12 -25.39 26.93
CA HIS C 198 -5.31 -25.07 25.52
C HIS C 198 -6.22 -26.10 24.91
N GLN C 199 -6.96 -25.70 23.86
CA GLN C 199 -7.96 -26.59 23.24
C GLN C 199 -7.36 -27.91 22.79
N GLY C 200 -6.09 -27.92 22.38
CA GLY C 200 -5.42 -29.13 21.95
C GLY C 200 -4.92 -30.05 23.06
N LEU C 201 -5.06 -29.65 24.32
CA LEU C 201 -4.58 -30.44 25.46
C LEU C 201 -5.80 -31.03 26.15
N SER C 202 -5.79 -32.34 26.37
CA SER C 202 -6.99 -32.94 26.98
C SER C 202 -7.09 -32.65 28.47
N SER C 203 -5.98 -32.29 29.11
CA SER C 203 -5.98 -31.69 30.43
C SER C 203 -4.77 -30.78 30.52
N PRO C 204 -4.70 -29.91 31.54
CA PRO C 204 -3.59 -28.93 31.58
C PRO C 204 -2.24 -29.61 31.66
N VAL C 205 -1.24 -28.97 31.05
CA VAL C 205 0.13 -29.45 31.06
C VAL C 205 0.88 -28.53 32.01
N THR C 206 1.64 -29.12 32.96
CA THR C 206 2.49 -28.37 33.90
C THR C 206 3.96 -28.72 33.71
N LYS C 207 4.78 -27.68 33.54
CA LYS C 207 6.24 -27.79 33.53
C LYS C 207 6.74 -27.06 34.75
N SER C 208 7.65 -27.69 35.50
CA SER C 208 8.07 -27.08 36.74
C SER C 208 9.52 -27.43 37.01
N PHE C 209 10.13 -26.67 37.91
CA PHE C 209 11.48 -26.90 38.36
C PHE C 209 11.63 -26.55 39.85
N ASN C 210 12.66 -27.12 40.43
CA ASN C 210 12.96 -26.96 41.85
C ASN C 210 14.17 -26.03 41.87
N ARG C 211 14.05 -24.86 42.51
CA ARG C 211 15.21 -23.94 42.61
C ARG C 211 16.42 -24.68 43.18
N GLY C 212 17.56 -24.56 42.49
CA GLY C 212 18.79 -25.20 42.96
C GLY C 212 18.99 -26.57 42.36
N GLU C 213 17.93 -27.27 42.05
CA GLU C 213 18.02 -28.60 41.50
C GLU C 213 17.93 -28.62 39.97
N CYS C 214 19.01 -28.97 39.29
CA CYS C 214 18.95 -29.11 37.80
C CYS C 214 18.48 -30.52 37.44
#